data_8WU8
#
_entry.id   8WU8
#
_cell.length_a   71.115
_cell.length_b   69.938
_cell.length_c   83.948
_cell.angle_alpha   90.00
_cell.angle_beta   97.36
_cell.angle_gamma   90.00
#
_symmetry.space_group_name_H-M   'P 1 21 1'
#
loop_
_entity.id
_entity.type
_entity.pdbx_description
1 polymer 'Cell cycle checkpoint control protein RAD9A'
2 polymer 'Checkpoint protein HUS1'
3 polymer 'Cell cycle checkpoint protein RAD1'
4 polymer 'RAD9, HUS1, RAD1-interacting nuclear orphan protein 1'
#
loop_
_entity_poly.entity_id
_entity_poly.type
_entity_poly.pdbx_seq_one_letter_code
_entity_poly.pdbx_strand_id
1 'polypeptide(L)'
;MKCLVTGGNVKVLGKAVHSLSRIGDELYLEPLEDGLSLRTVNSSRSAYACFLFAPLFFQQYQAATPGQDLLRCKILMKSF
LSVFRSLAMLEKTVEKCCISLNGRSSRLVVQLHCKFGVRKTHNLSFQDCESLQAVFDPASCPHMLRAPARVLGEAVLPFS
PALAEVTLGIGRGRRVILRSYHEEEADSTAKAMVTEMCLGEEDFQQLQAQEGVAITFCLKEFRGLLSFAESANLNLSIHF
DAPGRPAIFTIKDSLLDGHFVLATLSDTDS
;
A
2 'polypeptide(L)'
;MHHHHHHKFRAKIVDGACLNHFTRISNMIAKLAKTCTLRISPDKLNFILCDKLANGGVSMWCELEQENFFNEFQMEGVSA
ENNEIYLELTSENLSRALKTAQNARALKIKLTNKHFPCLTVSVELLSMSSSSRIVTHDIPIKVIPRKLWKDLQEPVVPDP
DVSIYLPVLKTMKSVVEKMKNISNHLVIEANLDGELNLKIETELVCVTTHFKDLGNPPLASESTHEDRNVEHMAEVHIDI
RKLLQFLAGQQVNPTKALCNIVNNKMVHFDLLHEDVSLQYFIPALS
;
B
3 'polypeptide(L)'
;MPLLTQQIQDEDDQYSLVASLDNVRNLSTILKAIHFREHATCFATKNGIKVTVENAKCVQANAAIQAGIFQEFKVQEESV
TFRINLTVLLDCLSIFGSSPMPGTLTALRMCYQGYGYPLMLFLEEGGVVTVCKINTQEPEETLDFDFCSTNVINKIILQS
EGLREAFSELDMTSEVLQITMSPDKPYFRLSTFGNAGSSHLDYPKDSDLMEAFHCNQTQVNRYKISLLKPSTKALVLSCK
VSIRTDNRGFLSLQYAIRNEDGQICAVEYYCCPDEEVPESES
;
C
4 'polypeptide(L)' TSKFPHLTFESP D
#
# COMPACT_ATOMS: atom_id res chain seq x y z
N MET A 1 30.14 -25.24 -4.83
CA MET A 1 29.67 -24.38 -3.74
C MET A 1 28.38 -24.90 -3.10
N LYS A 2 28.39 -25.02 -1.77
CA LYS A 2 27.20 -25.45 -1.05
C LYS A 2 27.00 -24.66 0.24
N CYS A 3 26.05 -23.74 0.23
CA CYS A 3 25.71 -22.96 1.40
C CYS A 3 24.45 -23.49 2.06
N LEU A 4 24.39 -23.39 3.38
CA LEU A 4 23.22 -23.83 4.12
C LEU A 4 22.95 -22.92 5.31
N VAL A 5 21.85 -22.17 5.23
CA VAL A 5 21.45 -21.29 6.33
C VAL A 5 20.26 -21.89 7.08
N THR A 6 20.35 -21.88 8.41
CA THR A 6 19.24 -22.33 9.23
C THR A 6 18.92 -21.30 10.30
N GLY A 7 17.78 -21.47 10.96
CA GLY A 7 17.42 -20.62 12.08
C GLY A 7 17.10 -19.18 11.71
N GLY A 8 17.53 -18.25 12.56
CA GLY A 8 17.22 -16.84 12.38
C GLY A 8 18.09 -16.14 11.35
N ASN A 9 19.18 -16.78 10.96
CA ASN A 9 20.07 -16.20 9.96
C ASN A 9 19.46 -16.24 8.56
N VAL A 10 18.35 -16.95 8.42
CA VAL A 10 17.63 -17.03 7.16
C VAL A 10 17.05 -15.66 6.79
N LYS A 11 16.44 -14.99 7.76
CA LYS A 11 15.86 -13.68 7.51
C LYS A 11 16.94 -12.62 7.34
N VAL A 12 18.04 -12.76 8.09
CA VAL A 12 19.16 -11.84 8.01
C VAL A 12 19.72 -11.79 6.58
N LEU A 13 19.80 -12.97 5.97
CA LEU A 13 20.25 -13.09 4.60
C LEU A 13 19.28 -12.39 3.65
N GLY A 14 17.99 -12.47 3.97
CA GLY A 14 16.96 -11.81 3.17
C GLY A 14 17.03 -10.31 3.26
N LYS A 15 17.33 -9.80 4.45
CA LYS A 15 17.46 -8.36 4.68
C LYS A 15 18.64 -7.78 3.91
N ALA A 16 19.68 -8.58 3.75
CA ALA A 16 20.86 -8.16 3.00
C ALA A 16 20.54 -8.08 1.52
N VAL A 17 19.84 -9.09 1.02
CA VAL A 17 19.39 -9.12 -0.36
C VAL A 17 18.46 -7.93 -0.64
N HIS A 18 17.55 -7.67 0.29
CA HIS A 18 16.67 -6.51 0.21
C HIS A 18 17.47 -5.22 0.17
N SER A 19 18.53 -5.17 0.97
CA SER A 19 19.35 -3.97 1.08
C SER A 19 20.12 -3.73 -0.21
N LEU A 20 20.61 -4.79 -0.84
CA LEU A 20 21.38 -4.65 -2.08
C LEU A 20 20.48 -4.28 -3.25
N SER A 21 19.18 -4.55 -3.11
CA SER A 21 18.22 -4.31 -4.20
C SER A 21 17.88 -2.84 -4.37
N ARG A 22 18.12 -2.06 -3.31
CA ARG A 22 17.87 -0.63 -3.36
C ARG A 22 19.08 0.12 -3.93
N ILE A 23 20.03 -0.63 -4.48
CA ILE A 23 21.23 -0.04 -5.06
C ILE A 23 21.41 -0.38 -6.53
N GLY A 24 21.33 -1.66 -6.87
CA GLY A 24 21.57 -2.12 -8.22
C GLY A 24 20.57 -3.16 -8.70
N ASP A 25 20.55 -3.37 -10.02
CA ASP A 25 19.58 -4.28 -10.63
C ASP A 25 20.11 -5.71 -10.80
N GLU A 26 21.40 -5.89 -10.60
CA GLU A 26 22.01 -7.22 -10.74
C GLU A 26 22.74 -7.60 -9.47
N LEU A 27 22.64 -8.88 -9.11
CA LEU A 27 23.27 -9.39 -7.91
C LEU A 27 24.48 -10.24 -8.24
N TYR A 28 25.65 -9.79 -7.80
CA TYR A 28 26.89 -10.54 -8.03
C TYR A 28 27.20 -11.49 -6.88
N LEU A 29 27.29 -12.78 -7.19
CA LEU A 29 27.60 -13.79 -6.18
C LEU A 29 29.05 -14.22 -6.29
N GLU A 30 29.78 -14.15 -5.17
CA GLU A 30 31.17 -14.59 -5.15
C GLU A 30 31.50 -15.33 -3.86
N PRO A 31 31.44 -16.67 -3.91
CA PRO A 31 31.89 -17.48 -2.78
C PRO A 31 33.39 -17.37 -2.55
N LEU A 32 33.80 -16.99 -1.33
CA LEU A 32 35.21 -16.89 -1.00
C LEU A 32 35.56 -17.83 0.14
N GLU A 33 36.83 -17.90 0.48
CA GLU A 33 37.29 -18.75 1.57
C GLU A 33 36.88 -18.16 2.92
N ASP A 34 36.85 -16.84 3.00
CA ASP A 34 36.48 -16.16 4.24
C ASP A 34 34.98 -15.86 4.29
N GLY A 35 34.21 -16.49 3.41
CA GLY A 35 32.77 -16.37 3.44
C GLY A 35 32.11 -16.04 2.10
N LEU A 36 30.78 -15.99 2.09
CA LEU A 36 30.02 -15.69 0.88
C LEU A 36 29.85 -14.19 0.68
N SER A 37 30.14 -13.74 -0.54
CA SER A 37 30.06 -12.33 -0.88
C SER A 37 28.87 -12.05 -1.80
N LEU A 38 28.01 -11.12 -1.40
CA LEU A 38 26.94 -10.64 -2.27
C LEU A 38 27.20 -9.17 -2.58
N ARG A 39 27.32 -8.86 -3.87
CA ARG A 39 27.70 -7.52 -4.29
C ARG A 39 26.73 -6.95 -5.32
N THR A 40 26.72 -5.63 -5.46
CA THR A 40 25.92 -4.98 -6.50
C THR A 40 26.51 -3.63 -6.88
N VAL A 41 25.98 -3.05 -7.95
CA VAL A 41 26.51 -1.80 -8.47
C VAL A 41 25.42 -0.95 -9.12
N ASN A 42 25.52 0.36 -8.91
CA ASN A 42 24.71 1.36 -9.60
C ASN A 42 24.65 1.17 -11.10
N SER A 43 23.67 1.82 -11.72
CA SER A 43 23.59 1.90 -13.18
C SER A 43 24.52 2.99 -13.67
N SER A 44 24.91 3.89 -12.77
CA SER A 44 25.84 4.96 -13.08
C SER A 44 27.25 4.59 -12.65
N ARG A 45 27.39 3.41 -12.05
CA ARG A 45 28.66 2.96 -11.49
C ARG A 45 29.22 3.99 -10.50
N SER A 46 28.32 4.60 -9.73
CA SER A 46 28.71 5.59 -8.74
C SER A 46 28.36 5.09 -7.33
N ALA A 47 27.95 3.83 -7.24
CA ALA A 47 27.66 3.23 -5.95
C ALA A 47 27.98 1.73 -5.96
N TYR A 48 28.72 1.30 -4.94
CA TYR A 48 29.08 -0.10 -4.79
C TYR A 48 28.73 -0.57 -3.39
N ALA A 49 28.17 -1.77 -3.30
CA ALA A 49 27.81 -2.36 -2.02
C ALA A 49 28.19 -3.82 -1.98
N CYS A 50 28.54 -4.31 -0.80
CA CYS A 50 29.00 -5.68 -0.65
C CYS A 50 28.77 -6.20 0.76
N PHE A 51 28.09 -7.35 0.85
CA PHE A 51 27.94 -8.06 2.10
C PHE A 51 28.84 -9.29 2.11
N LEU A 52 29.59 -9.47 3.18
CA LEU A 52 30.39 -10.67 3.35
C LEU A 52 29.88 -11.48 4.53
N PHE A 53 29.48 -12.72 4.27
CA PHE A 53 28.98 -13.61 5.31
C PHE A 53 30.05 -14.61 5.71
N ALA A 54 30.71 -14.37 6.84
CA ALA A 54 31.74 -15.27 7.37
C ALA A 54 31.21 -16.70 7.48
N PRO A 55 32.09 -17.70 7.26
CA PRO A 55 31.70 -19.11 7.18
C PRO A 55 30.87 -19.63 8.36
N LEU A 56 31.01 -19.03 9.54
CA LEU A 56 30.25 -19.48 10.71
C LEU A 56 28.80 -18.97 10.70
N PHE A 57 28.48 -18.11 9.73
CA PHE A 57 27.11 -17.63 9.55
C PHE A 57 26.22 -18.78 9.07
N PHE A 58 26.85 -19.77 8.47
CA PHE A 58 26.12 -20.88 7.86
C PHE A 58 26.18 -22.16 8.68
N GLN A 59 25.28 -23.08 8.37
CA GLN A 59 25.30 -24.42 8.93
C GLN A 59 26.42 -25.21 8.28
N GLN A 60 26.59 -25.02 6.99
CA GLN A 60 27.61 -25.70 6.19
C GLN A 60 28.06 -24.79 5.05
N TYR A 61 29.37 -24.70 4.83
CA TYR A 61 29.89 -23.82 3.80
C TYR A 61 31.06 -24.43 3.02
N GLN A 62 30.79 -24.85 1.79
CA GLN A 62 31.85 -25.22 0.85
C GLN A 62 31.97 -24.13 -0.21
N ALA A 63 33.16 -23.56 -0.34
CA ALA A 63 33.37 -22.41 -1.21
C ALA A 63 33.61 -22.79 -2.67
N ALA A 64 34.65 -23.58 -2.91
CA ALA A 64 35.06 -23.89 -4.28
C ALA A 64 34.64 -25.29 -4.71
N THR A 65 34.29 -25.42 -5.99
CA THR A 65 34.04 -26.73 -6.58
C THR A 65 35.36 -27.48 -6.75
N PRO A 66 35.52 -28.59 -6.03
CA PRO A 66 36.77 -29.36 -5.99
C PRO A 66 37.20 -29.89 -7.35
N LEU A 70 37.01 -21.07 -9.79
CA LEU A 70 36.32 -20.37 -8.73
C LEU A 70 35.07 -19.69 -9.27
N LEU A 71 34.05 -19.54 -8.42
CA LEU A 71 32.76 -19.06 -8.87
C LEU A 71 32.61 -17.54 -8.77
N ARG A 72 32.26 -16.92 -9.90
CA ARG A 72 31.89 -15.52 -9.96
C ARG A 72 30.58 -15.43 -10.72
N CYS A 73 29.57 -14.81 -10.11
CA CYS A 73 28.22 -14.92 -10.63
C CYS A 73 27.53 -13.58 -10.86
N LYS A 74 26.44 -13.60 -11.62
CA LYS A 74 25.72 -12.41 -12.01
C LYS A 74 24.26 -12.74 -12.31
N ILE A 75 23.35 -12.26 -11.48
CA ILE A 75 21.93 -12.60 -11.60
C ILE A 75 21.06 -11.36 -11.48
N LEU A 76 20.01 -11.28 -12.30
CA LEU A 76 19.02 -10.23 -12.19
C LEU A 76 18.44 -10.24 -10.78
N MET A 77 18.55 -9.12 -10.07
CA MET A 77 18.15 -9.14 -8.67
C MET A 77 16.65 -9.08 -8.50
N LYS A 78 15.94 -8.80 -9.58
CA LYS A 78 14.49 -8.95 -9.59
C LYS A 78 14.14 -10.38 -9.22
N SER A 79 14.89 -11.31 -9.80
CA SER A 79 14.68 -12.74 -9.59
C SER A 79 15.05 -13.13 -8.17
N PHE A 80 16.25 -12.76 -7.75
CA PHE A 80 16.76 -13.11 -6.43
C PHE A 80 15.93 -12.47 -5.31
N LEU A 81 15.29 -11.35 -5.62
CA LEU A 81 14.36 -10.73 -4.69
C LEU A 81 13.14 -11.60 -4.48
N SER A 82 12.48 -11.98 -5.57
CA SER A 82 11.24 -12.76 -5.51
C SER A 82 11.44 -14.06 -4.75
N VAL A 83 12.67 -14.57 -4.78
CA VAL A 83 13.03 -15.75 -4.00
C VAL A 83 13.00 -15.47 -2.50
N PHE A 84 13.29 -14.24 -2.12
CA PHE A 84 13.44 -13.87 -0.72
C PHE A 84 12.42 -12.84 -0.24
N ARG A 85 11.67 -12.26 -1.16
CA ARG A 85 10.76 -11.17 -0.81
C ARG A 85 9.77 -11.56 0.29
N SER A 86 9.55 -10.64 1.22
CA SER A 86 8.61 -10.79 2.34
C SER A 86 9.20 -11.78 3.35
N LEU A 87 9.86 -11.23 4.37
CA LEU A 87 10.53 -11.98 5.43
C LEU A 87 9.52 -12.61 6.39
N ALA A 88 8.29 -12.09 6.36
CA ALA A 88 7.21 -12.64 7.15
C ALA A 88 6.99 -14.12 6.82
N MET A 89 7.01 -14.44 5.53
CA MET A 89 6.88 -15.82 5.07
C MET A 89 8.21 -16.57 5.19
N LEU A 90 9.29 -15.81 5.35
CA LEU A 90 10.62 -16.39 5.52
C LEU A 90 10.87 -16.77 6.97
N GLU A 91 10.34 -15.97 7.89
CA GLU A 91 10.43 -16.26 9.32
C GLU A 91 9.51 -17.42 9.71
N LYS A 92 8.26 -17.33 9.28
CA LYS A 92 7.23 -18.26 9.71
C LYS A 92 7.40 -19.66 9.13
N THR A 93 7.68 -19.74 7.83
CA THR A 93 7.67 -21.03 7.14
C THR A 93 9.07 -21.63 6.92
N VAL A 94 9.98 -20.83 6.37
CA VAL A 94 11.29 -21.33 5.99
C VAL A 94 12.17 -21.68 7.18
N GLU A 95 12.53 -22.97 7.28
CA GLU A 95 13.45 -23.44 8.30
C GLU A 95 14.90 -23.34 7.82
N LYS A 96 15.19 -24.06 6.74
CA LYS A 96 16.53 -24.07 6.17
C LYS A 96 16.52 -23.53 4.75
N CYS A 97 17.59 -22.84 4.38
CA CYS A 97 17.73 -22.31 3.03
C CYS A 97 19.04 -22.78 2.42
N CYS A 98 18.96 -23.45 1.29
CA CYS A 98 20.13 -24.03 0.63
C CYS A 98 20.43 -23.37 -0.71
N ILE A 99 21.69 -23.00 -0.92
CA ILE A 99 22.15 -22.40 -2.17
C ILE A 99 23.28 -23.23 -2.76
N SER A 100 23.12 -23.68 -4.00
CA SER A 100 24.08 -24.64 -4.57
C SER A 100 24.45 -24.37 -6.03
N LEU A 101 25.55 -24.98 -6.46
CA LEU A 101 25.94 -25.04 -7.86
C LEU A 101 26.72 -26.32 -8.15
N SER A 105 27.79 -25.98 -13.22
CA SER A 105 26.73 -26.54 -14.04
C SER A 105 25.93 -25.43 -14.73
N SER A 106 24.66 -25.70 -14.99
CA SER A 106 23.86 -24.82 -15.85
C SER A 106 22.96 -23.84 -15.09
N ARG A 107 22.62 -24.16 -13.84
CA ARG A 107 21.74 -23.30 -13.05
C ARG A 107 22.18 -23.15 -11.59
N LEU A 108 21.92 -21.98 -11.02
CA LEU A 108 22.08 -21.78 -9.58
C LEU A 108 20.80 -22.15 -8.87
N VAL A 109 20.87 -23.12 -7.97
CA VAL A 109 19.66 -23.62 -7.33
C VAL A 109 19.52 -23.08 -5.90
N VAL A 110 18.28 -22.75 -5.53
CA VAL A 110 17.97 -22.34 -4.17
C VAL A 110 16.78 -23.14 -3.65
N GLN A 111 16.99 -23.87 -2.57
CA GLN A 111 15.93 -24.68 -1.98
C GLN A 111 15.48 -24.13 -0.65
N LEU A 112 14.17 -23.95 -0.51
CA LEU A 112 13.58 -23.52 0.76
C LEU A 112 12.86 -24.69 1.42
N HIS A 113 13.46 -25.22 2.49
CA HIS A 113 12.83 -26.31 3.25
C HIS A 113 11.85 -25.77 4.28
N CYS A 114 10.58 -25.75 3.91
CA CYS A 114 9.54 -25.18 4.76
C CYS A 114 8.98 -26.24 5.71
N LYS A 115 7.96 -25.86 6.48
CA LYS A 115 7.32 -26.76 7.42
C LYS A 115 6.55 -27.87 6.71
N PHE A 116 6.20 -28.90 7.46
CA PHE A 116 5.31 -29.97 7.00
C PHE A 116 5.84 -30.70 5.78
N GLY A 117 7.15 -30.64 5.58
CA GLY A 117 7.80 -31.35 4.49
C GLY A 117 7.80 -30.58 3.19
N VAL A 118 7.09 -29.45 3.18
CA VAL A 118 6.97 -28.63 1.97
C VAL A 118 8.33 -28.06 1.57
N ARG A 119 8.66 -28.22 0.29
CA ARG A 119 9.93 -27.73 -0.24
C ARG A 119 9.72 -26.81 -1.43
N LYS A 120 10.32 -25.63 -1.36
CA LYS A 120 10.31 -24.69 -2.48
C LYS A 120 11.68 -24.68 -3.13
N THR A 121 11.70 -24.80 -4.46
CA THR A 121 12.97 -24.88 -5.19
C THR A 121 13.05 -23.90 -6.35
N HIS A 122 14.08 -23.06 -6.35
CA HIS A 122 14.31 -22.12 -7.44
C HIS A 122 15.55 -22.51 -8.22
N ASN A 123 15.43 -22.55 -9.55
CA ASN A 123 16.57 -22.78 -10.42
C ASN A 123 16.88 -21.54 -11.25
N LEU A 124 17.62 -20.61 -10.66
CA LEU A 124 17.92 -19.34 -11.31
C LEU A 124 19.02 -19.47 -12.35
N SER A 125 18.80 -18.87 -13.51
CA SER A 125 19.82 -18.83 -14.55
C SER A 125 20.82 -17.72 -14.24
N PHE A 126 22.08 -17.94 -14.60
CA PHE A 126 23.11 -16.96 -14.26
C PHE A 126 24.13 -16.77 -15.37
N GLN A 127 24.76 -15.59 -15.37
CA GLN A 127 25.85 -15.30 -16.29
C GLN A 127 27.15 -15.20 -15.53
N ASP A 128 28.18 -15.89 -16.00
CA ASP A 128 29.50 -15.78 -15.40
C ASP A 128 30.02 -14.37 -15.62
N CYS A 129 30.81 -13.87 -14.67
CA CYS A 129 31.25 -12.48 -14.72
C CYS A 129 32.60 -12.28 -14.02
N GLU A 130 33.02 -11.02 -13.93
CA GLU A 130 34.25 -10.68 -13.22
C GLU A 130 33.99 -10.50 -11.73
N SER A 131 35.05 -10.34 -10.97
CA SER A 131 34.92 -10.03 -9.56
C SER A 131 34.60 -8.54 -9.40
N LEU A 132 33.32 -8.23 -9.19
CA LEU A 132 32.89 -6.85 -9.04
C LEU A 132 33.50 -6.24 -7.79
N GLN A 133 34.64 -5.57 -7.95
CA GLN A 133 35.32 -4.97 -6.82
C GLN A 133 35.55 -3.48 -7.08
N ALA A 134 35.32 -2.68 -6.05
CA ALA A 134 35.58 -1.25 -6.15
C ALA A 134 36.90 -0.90 -5.47
N VAL A 135 37.61 0.06 -6.05
CA VAL A 135 38.85 0.54 -5.46
C VAL A 135 38.53 1.54 -4.37
N PHE A 136 38.63 1.10 -3.11
CA PHE A 136 38.35 1.96 -1.96
C PHE A 136 39.18 1.51 -0.77
N ASP A 137 39.47 2.44 0.14
CA ASP A 137 40.19 2.12 1.36
C ASP A 137 39.87 3.12 2.46
N PRO A 138 39.21 2.64 3.53
CA PRO A 138 38.86 3.48 4.69
C PRO A 138 40.09 4.09 5.36
N ALA A 139 41.19 3.35 5.35
CA ALA A 139 42.43 3.83 5.94
C ALA A 139 42.94 5.07 5.23
N SER A 140 42.63 5.18 3.94
CA SER A 140 43.05 6.33 3.15
C SER A 140 42.23 7.58 3.45
N CYS A 141 41.08 7.40 4.08
CA CYS A 141 40.20 8.53 4.40
C CYS A 141 40.62 9.22 5.69
N PRO A 142 40.69 10.57 5.66
CA PRO A 142 41.11 11.40 6.79
C PRO A 142 39.99 11.70 7.79
N HIS A 143 38.74 11.53 7.38
CA HIS A 143 37.61 11.84 8.24
C HIS A 143 36.81 10.60 8.59
N MET A 144 36.35 10.53 9.83
CA MET A 144 35.57 9.37 10.26
C MET A 144 34.43 9.73 11.21
N LEU A 145 33.31 9.03 11.04
CA LEU A 145 32.19 9.11 11.96
C LEU A 145 31.91 7.70 12.43
N ARG A 146 31.36 7.57 13.63
CA ARG A 146 30.91 6.27 14.12
C ARG A 146 29.79 6.44 15.14
N ALA A 147 28.70 5.72 14.93
CA ALA A 147 27.55 5.77 15.82
C ALA A 147 26.69 4.54 15.61
N PRO A 148 25.83 4.21 16.58
CA PRO A 148 24.87 3.13 16.32
C PRO A 148 23.96 3.50 15.16
N ALA A 149 23.51 2.50 14.40
CA ALA A 149 22.71 2.73 13.21
C ALA A 149 21.43 3.51 13.52
N ARG A 150 20.83 3.22 14.66
CA ARG A 150 19.60 3.87 15.08
C ARG A 150 19.77 5.38 15.24
N VAL A 151 20.97 5.80 15.67
CA VAL A 151 21.27 7.21 15.82
C VAL A 151 21.26 7.90 14.46
N LEU A 152 21.92 7.28 13.49
CA LEU A 152 21.96 7.79 12.12
C LEU A 152 20.62 7.58 11.42
N GLY A 153 19.81 6.68 11.96
CA GLY A 153 18.49 6.41 11.41
C GLY A 153 17.47 7.45 11.85
N GLU A 154 17.72 8.07 13.00
CA GLU A 154 16.88 9.15 13.50
C GLU A 154 17.29 10.47 12.85
N ALA A 155 18.53 10.53 12.40
CA ALA A 155 19.06 11.74 11.77
C ALA A 155 18.46 11.95 10.38
N VAL A 156 18.25 10.86 9.65
CA VAL A 156 17.68 10.95 8.31
C VAL A 156 16.16 10.86 8.33
N LEU A 157 15.59 10.86 9.53
CA LEU A 157 14.14 10.77 9.70
C LEU A 157 13.36 12.00 9.17
N PRO A 158 13.82 13.24 9.47
CA PRO A 158 13.04 14.37 8.96
C PRO A 158 13.22 14.68 7.47
N PHE A 159 13.91 13.81 6.74
CA PHE A 159 14.06 14.00 5.30
C PHE A 159 13.00 13.25 4.54
N SER A 160 12.45 13.88 3.50
CA SER A 160 11.53 13.23 2.59
C SER A 160 12.17 11.98 2.02
N PRO A 161 11.43 10.86 2.03
CA PRO A 161 11.94 9.61 1.47
C PRO A 161 12.15 9.68 -0.04
N ALA A 162 11.70 10.76 -0.65
CA ALA A 162 11.88 10.99 -2.08
C ALA A 162 13.13 11.79 -2.36
N LEU A 163 13.72 12.34 -1.30
CA LEU A 163 14.97 13.09 -1.43
C LEU A 163 16.10 12.17 -1.85
N ALA A 164 16.78 12.56 -2.92
CA ALA A 164 17.84 11.74 -3.49
C ALA A 164 19.18 11.99 -2.80
N GLU A 165 19.38 13.24 -2.39
CA GLU A 165 20.71 13.67 -2.02
C GLU A 165 20.75 14.43 -0.70
N VAL A 166 21.80 14.17 0.08
CA VAL A 166 21.97 14.84 1.37
C VAL A 166 23.45 15.20 1.56
N THR A 167 23.68 16.34 2.18
CA THR A 167 25.04 16.82 2.46
C THR A 167 25.43 16.53 3.90
N LEU A 168 26.54 15.82 4.09
CA LEU A 168 27.08 15.54 5.42
C LEU A 168 28.25 16.47 5.72
N GLY A 169 28.13 17.28 6.75
CA GLY A 169 29.16 18.25 7.07
C GLY A 169 29.46 18.41 8.56
N ILE A 170 30.62 18.99 8.85
CA ILE A 170 31.04 19.21 10.23
C ILE A 170 31.04 20.69 10.59
N GLY A 171 30.04 21.12 11.34
CA GLY A 171 29.90 22.53 11.70
C GLY A 171 30.75 22.93 12.89
N ARG A 172 30.80 24.24 13.17
CA ARG A 172 31.56 24.77 14.29
C ARG A 172 30.97 24.27 15.60
N GLY A 173 31.83 23.89 16.53
CA GLY A 173 31.39 23.38 17.82
C GLY A 173 31.21 21.87 17.79
N ARG A 174 31.86 21.23 16.82
CA ARG A 174 31.78 19.78 16.65
C ARG A 174 30.33 19.31 16.52
N ARG A 175 29.59 19.98 15.65
CA ARG A 175 28.23 19.56 15.31
C ARG A 175 28.25 18.76 14.02
N VAL A 176 27.50 17.67 13.98
CA VAL A 176 27.30 16.95 12.73
C VAL A 176 26.04 17.47 12.06
N ILE A 177 26.19 18.04 10.87
CA ILE A 177 25.07 18.67 10.18
C ILE A 177 24.68 17.94 8.91
N LEU A 178 23.39 17.61 8.80
CA LEU A 178 22.86 17.02 7.57
C LEU A 178 21.92 17.98 6.85
N ARG A 179 22.37 18.51 5.72
CA ARG A 179 21.59 19.43 4.91
C ARG A 179 21.05 18.72 3.67
N SER A 180 19.80 18.97 3.33
CA SER A 180 19.25 18.43 2.10
C SER A 180 19.89 19.16 0.93
N TYR A 181 20.08 18.45 -0.19
CA TYR A 181 20.74 19.04 -1.35
C TYR A 181 19.80 19.16 -2.54
N HIS A 182 19.84 20.31 -3.19
CA HIS A 182 19.08 20.54 -4.41
C HIS A 182 19.85 21.42 -5.38
N GLU A 183 19.62 21.21 -6.68
CA GLU A 183 20.14 22.11 -7.70
C GLU A 183 19.03 23.06 -8.15
N GLU A 184 19.40 24.28 -8.52
CA GLU A 184 18.41 25.26 -8.94
C GLU A 184 17.73 24.87 -10.24
N ALA A 190 9.83 27.58 -8.62
CA ALA A 190 10.62 26.36 -8.57
C ALA A 190 11.41 26.28 -7.26
N LYS A 191 10.71 26.40 -6.14
CA LYS A 191 11.38 26.41 -4.84
C LYS A 191 11.09 25.15 -4.02
N ALA A 192 12.15 24.52 -3.53
CA ALA A 192 12.03 23.28 -2.77
C ALA A 192 12.27 23.54 -1.28
N MET A 193 11.67 22.71 -0.43
CA MET A 193 11.85 22.84 1.00
C MET A 193 13.23 22.34 1.41
N VAL A 194 13.95 23.18 2.15
CA VAL A 194 15.28 22.83 2.61
C VAL A 194 15.24 22.37 4.08
N THR A 195 15.74 21.16 4.32
CA THR A 195 15.76 20.60 5.68
C THR A 195 17.19 20.39 6.17
N GLU A 196 17.48 20.90 7.36
CA GLU A 196 18.79 20.72 7.96
C GLU A 196 18.71 20.05 9.34
N MET A 197 19.45 18.96 9.50
CA MET A 197 19.53 18.24 10.78
C MET A 197 20.86 18.48 11.48
N CYS A 198 20.81 18.73 12.78
CA CYS A 198 22.04 19.05 13.54
C CYS A 198 22.23 18.14 14.75
N LEU A 199 23.26 17.29 14.71
CA LEU A 199 23.63 16.44 15.83
C LEU A 199 24.74 17.08 16.65
N GLY A 200 24.84 16.67 17.91
CA GLY A 200 25.98 17.05 18.73
C GLY A 200 27.00 15.93 18.70
N GLU A 201 28.22 16.19 19.16
CA GLU A 201 29.25 15.16 19.13
C GLU A 201 29.05 14.12 20.23
N GLU A 202 28.12 14.39 21.14
CA GLU A 202 27.91 13.54 22.29
C GLU A 202 27.36 12.16 21.94
N ASP A 203 26.29 12.12 21.15
CA ASP A 203 25.70 10.83 20.76
C ASP A 203 26.49 10.17 19.63
N PHE A 204 27.74 10.60 19.49
CA PHE A 204 28.68 9.96 18.57
C PHE A 204 29.77 9.23 19.34
N GLN A 205 29.96 7.95 19.02
CA GLN A 205 31.01 7.15 19.65
C GLN A 205 32.38 7.65 19.25
N GLN A 206 32.55 7.92 17.95
CA GLN A 206 33.80 8.42 17.42
C GLN A 206 33.54 9.57 16.46
N LEU A 207 34.33 10.63 16.55
CA LEU A 207 34.20 11.76 15.64
C LEU A 207 35.57 12.39 15.42
N GLN A 208 36.19 12.06 14.30
CA GLN A 208 37.45 12.66 13.91
C GLN A 208 37.32 13.27 12.52
N ALA A 209 36.78 14.48 12.47
CA ALA A 209 36.57 15.18 11.21
C ALA A 209 36.75 16.69 11.39
N GLN A 210 37.54 17.28 10.52
CA GLN A 210 37.85 18.71 10.60
C GLN A 210 36.61 19.57 10.33
N GLU A 211 36.45 20.61 11.13
CA GLU A 211 35.36 21.57 10.95
C GLU A 211 35.42 22.23 9.57
N GLY A 212 34.26 22.31 8.91
CA GLY A 212 34.18 22.93 7.60
C GLY A 212 34.11 21.91 6.49
N VAL A 213 34.61 20.71 6.76
CA VAL A 213 34.57 19.61 5.81
C VAL A 213 33.14 19.16 5.57
N ALA A 214 32.76 19.04 4.31
CA ALA A 214 31.41 18.60 3.94
C ALA A 214 31.40 17.82 2.64
N ILE A 215 30.61 16.76 2.60
CA ILE A 215 30.43 15.98 1.37
C ILE A 215 28.96 15.77 1.10
N THR A 216 28.65 15.33 -0.12
CA THR A 216 27.27 15.13 -0.53
C THR A 216 27.13 13.82 -1.29
N PHE A 217 26.15 13.01 -0.89
CA PHE A 217 25.97 11.69 -1.50
C PHE A 217 24.50 11.32 -1.66
N CYS A 218 24.25 10.19 -2.31
CA CYS A 218 22.89 9.71 -2.55
C CYS A 218 22.25 9.20 -1.26
N LEU A 219 21.18 9.87 -0.82
CA LEU A 219 20.51 9.51 0.42
C LEU A 219 19.74 8.20 0.30
N LYS A 220 19.16 7.95 -0.88
CA LYS A 220 18.35 6.74 -1.09
C LYS A 220 19.16 5.47 -0.89
N GLU A 221 20.42 5.49 -1.29
CA GLU A 221 21.30 4.33 -1.19
C GLU A 221 21.86 4.17 0.21
N PHE A 222 22.08 5.30 0.88
CA PHE A 222 22.59 5.26 2.24
C PHE A 222 21.54 4.68 3.16
N ARG A 223 20.26 4.91 2.82
CA ARG A 223 19.14 4.37 3.57
C ARG A 223 19.11 2.84 3.49
N GLY A 224 19.46 2.31 2.34
CA GLY A 224 19.46 0.87 2.11
C GLY A 224 20.34 0.11 3.08
N LEU A 225 21.46 0.73 3.47
CA LEU A 225 22.33 0.14 4.48
C LEU A 225 21.76 0.36 5.87
N LEU A 226 21.14 1.53 6.07
CA LEU A 226 20.55 1.88 7.36
C LEU A 226 19.44 0.91 7.75
N SER A 227 18.54 0.62 6.81
CA SER A 227 17.42 -0.27 7.06
C SER A 227 17.87 -1.65 7.54
N PHE A 228 19.01 -2.12 7.01
CA PHE A 228 19.54 -3.42 7.39
C PHE A 228 20.22 -3.40 8.75
N ALA A 229 20.96 -2.32 9.03
CA ALA A 229 21.76 -2.24 10.24
C ALA A 229 20.95 -1.79 11.46
N GLU A 230 19.85 -1.08 11.22
CA GLU A 230 18.98 -0.62 12.30
C GLU A 230 18.37 -1.80 13.04
N SER A 231 17.78 -2.71 12.28
CA SER A 231 17.13 -3.89 12.82
C SER A 231 18.12 -4.77 13.57
N ALA A 232 19.29 -4.97 12.97
CA ALA A 232 20.33 -5.81 13.56
C ALA A 232 21.06 -5.09 14.70
N ASN A 233 20.73 -3.82 14.92
CA ASN A 233 21.28 -3.01 16.00
C ASN A 233 22.81 -2.88 15.94
N LEU A 234 23.33 -2.70 14.72
CA LEU A 234 24.77 -2.69 14.49
C LEU A 234 25.38 -1.30 14.59
N ASN A 235 26.70 -1.22 14.53
CA ASN A 235 27.39 0.06 14.54
C ASN A 235 27.79 0.48 13.14
N LEU A 236 27.41 1.69 12.74
CA LEU A 236 27.76 2.21 11.42
C LEU A 236 28.88 3.24 11.52
N SER A 237 29.87 3.08 10.65
CA SER A 237 30.96 4.03 10.59
C SER A 237 31.08 4.59 9.18
N ILE A 238 31.20 5.91 9.08
CA ILE A 238 31.38 6.56 7.78
C ILE A 238 32.80 7.10 7.65
N HIS A 239 33.46 6.75 6.56
CA HIS A 239 34.79 7.27 6.27
C HIS A 239 34.79 8.00 4.94
N PHE A 240 35.32 9.21 4.93
CA PHE A 240 35.24 10.05 3.73
C PHE A 240 36.40 11.03 3.62
N ASP A 241 36.54 11.64 2.45
CA ASP A 241 37.63 12.55 2.17
C ASP A 241 37.10 13.90 1.70
N ALA A 242 37.71 14.44 0.65
CA ALA A 242 37.27 15.69 0.05
C ALA A 242 36.14 15.42 -0.93
N PRO A 243 35.37 16.46 -1.30
CA PRO A 243 34.35 16.28 -2.34
C PRO A 243 34.91 15.64 -3.60
N GLY A 244 34.15 14.73 -4.19
CA GLY A 244 34.60 14.00 -5.37
C GLY A 244 35.04 12.60 -5.01
N ARG A 245 35.83 12.49 -3.95
CA ARG A 245 36.30 11.19 -3.49
C ARG A 245 35.16 10.43 -2.83
N PRO A 246 35.11 9.11 -3.02
CA PRO A 246 34.05 8.24 -2.51
C PRO A 246 33.92 8.24 -0.98
N ALA A 247 32.70 7.94 -0.51
CA ALA A 247 32.43 7.80 0.91
C ALA A 247 32.21 6.34 1.26
N ILE A 248 32.80 5.89 2.37
CA ILE A 248 32.76 4.49 2.72
C ILE A 248 31.96 4.25 4.01
N PHE A 249 30.91 3.44 3.89
CA PHE A 249 30.00 3.17 4.99
C PHE A 249 30.15 1.72 5.42
N THR A 250 30.71 1.48 6.61
CA THR A 250 31.05 0.11 7.01
C THR A 250 30.17 -0.48 8.12
N ILE A 251 29.99 -1.79 8.05
CA ILE A 251 29.18 -2.54 9.00
C ILE A 251 29.92 -3.83 9.35
N LYS A 252 30.10 -4.11 10.63
CA LYS A 252 30.88 -5.27 11.03
C LYS A 252 30.28 -6.04 12.21
N ASP A 253 29.91 -7.28 11.95
CA ASP A 253 29.45 -8.18 13.00
C ASP A 253 30.46 -9.31 13.13
N SER A 254 30.20 -10.27 14.03
CA SER A 254 31.05 -11.44 14.13
C SER A 254 30.70 -12.41 13.03
N LEU A 255 29.43 -12.36 12.62
CA LEU A 255 28.90 -13.26 11.60
C LEU A 255 28.96 -12.60 10.23
N LEU A 256 29.04 -11.28 10.22
CA LEU A 256 28.66 -10.51 9.04
C LEU A 256 29.58 -9.32 8.77
N ASP A 257 29.89 -9.13 7.51
CA ASP A 257 30.64 -7.94 7.07
C ASP A 257 29.85 -7.25 5.96
N GLY A 258 29.94 -5.92 5.90
CA GLY A 258 29.20 -5.19 4.88
C GLY A 258 29.61 -3.74 4.73
N HIS A 259 29.92 -3.34 3.50
CA HIS A 259 30.31 -1.95 3.22
C HIS A 259 29.64 -1.38 1.99
N PHE A 260 29.19 -0.13 2.09
CA PHE A 260 28.65 0.61 0.96
C PHE A 260 29.64 1.68 0.56
N VAL A 261 29.96 1.75 -0.73
CA VAL A 261 30.87 2.78 -1.22
C VAL A 261 30.10 3.69 -2.16
N LEU A 262 29.88 4.93 -1.73
CA LEU A 262 29.10 5.88 -2.52
C LEU A 262 29.97 7.01 -3.06
N ALA A 263 29.62 7.48 -4.25
CA ALA A 263 30.33 8.61 -4.86
C ALA A 263 29.85 9.92 -4.25
N THR A 264 30.72 10.92 -4.23
CA THR A 264 30.34 12.23 -3.71
C THR A 264 30.48 13.30 -4.79
N LEU A 265 29.74 14.40 -4.61
CA LEU A 265 29.79 15.52 -5.54
C LEU A 265 31.17 16.19 -5.55
N SER A 266 31.47 16.88 -6.65
CA SER A 266 32.78 17.51 -6.82
C SER A 266 32.78 18.99 -6.43
N ASP A 267 33.96 19.60 -6.46
CA ASP A 267 34.17 20.98 -6.06
C ASP A 267 33.68 21.22 -4.63
N HIS B 6 8.36 44.40 6.23
CA HIS B 6 8.14 44.81 7.62
C HIS B 6 7.14 43.90 8.31
N HIS B 7 6.98 42.70 7.76
CA HIS B 7 6.14 41.68 8.36
C HIS B 7 6.95 40.87 9.38
N LYS B 8 6.32 40.54 10.51
CA LYS B 8 6.98 39.75 11.55
C LYS B 8 6.04 38.74 12.20
N PHE B 9 6.47 37.49 12.24
CA PHE B 9 5.68 36.42 12.86
C PHE B 9 6.56 35.44 13.64
N ARG B 10 6.22 35.25 14.91
CA ARG B 10 6.95 34.32 15.78
C ARG B 10 5.98 33.52 16.65
N ALA B 11 5.96 32.20 16.46
CA ALA B 11 5.05 31.34 17.21
C ALA B 11 5.77 30.09 17.73
N LYS B 12 5.35 29.61 18.90
CA LYS B 12 5.97 28.43 19.51
C LYS B 12 4.93 27.50 20.14
N ILE B 13 5.12 26.20 19.97
CA ILE B 13 4.26 25.20 20.60
C ILE B 13 5.08 24.31 21.52
N VAL B 14 4.57 24.04 22.72
CA VAL B 14 5.26 23.20 23.67
C VAL B 14 4.41 22.00 24.06
N ASP B 15 3.09 22.17 23.99
CA ASP B 15 2.15 21.13 24.40
C ASP B 15 1.99 20.03 23.34
N GLY B 16 2.13 18.79 23.77
CA GLY B 16 2.03 17.65 22.87
C GLY B 16 0.63 17.40 22.35
N ALA B 17 -0.36 17.53 23.22
CA ALA B 17 -1.76 17.32 22.83
C ALA B 17 -2.18 18.37 21.80
N CYS B 18 -1.66 19.58 21.95
CA CYS B 18 -1.92 20.67 21.02
C CYS B 18 -1.18 20.46 19.71
N LEU B 19 0.02 19.88 19.81
CA LEU B 19 0.85 19.60 18.65
C LEU B 19 0.23 18.49 17.80
N ASN B 20 -0.28 17.46 18.46
CA ASN B 20 -1.01 16.40 17.77
C ASN B 20 -2.19 16.98 16.99
N HIS B 21 -2.92 17.88 17.62
CA HIS B 21 -4.09 18.50 17.01
C HIS B 21 -3.71 19.33 15.79
N PHE B 22 -2.65 20.12 15.92
CA PHE B 22 -2.24 21.01 14.86
C PHE B 22 -1.68 20.24 13.66
N THR B 23 -1.08 19.08 13.93
CA THR B 23 -0.52 18.25 12.89
C THR B 23 -1.61 17.56 12.08
N ARG B 24 -2.67 17.13 12.76
CA ARG B 24 -3.81 16.51 12.11
C ARG B 24 -4.47 17.47 11.12
N ILE B 25 -4.43 18.75 11.45
CA ILE B 25 -5.03 19.79 10.60
C ILE B 25 -4.30 19.92 9.27
N SER B 26 -2.99 20.12 9.32
CA SER B 26 -2.18 20.31 8.12
C SER B 26 -2.22 19.07 7.22
N ASN B 27 -2.26 17.89 7.85
CA ASN B 27 -2.37 16.65 7.09
C ASN B 27 -3.65 16.61 6.27
N MET B 28 -4.72 17.15 6.85
CA MET B 28 -6.01 17.26 6.17
C MET B 28 -5.96 18.23 5.00
N ILE B 29 -5.35 19.40 5.22
CA ILE B 29 -5.19 20.41 4.18
C ILE B 29 -4.39 19.86 3.00
N ALA B 30 -3.37 19.05 3.30
CA ALA B 30 -2.56 18.42 2.28
C ALA B 30 -3.37 17.43 1.47
N LYS B 31 -4.43 16.89 2.08
CA LYS B 31 -5.32 15.98 1.40
C LYS B 31 -6.47 16.72 0.73
N LEU B 32 -6.56 18.02 1.00
CA LEU B 32 -7.60 18.86 0.40
C LEU B 32 -7.04 19.77 -0.68
N ALA B 33 -5.74 20.08 -0.59
CA ALA B 33 -5.10 20.96 -1.55
C ALA B 33 -3.61 20.64 -1.68
N LYS B 34 -3.02 21.07 -2.79
CA LYS B 34 -1.58 20.93 -2.97
C LYS B 34 -0.92 22.27 -2.69
N THR B 35 -1.58 23.33 -3.12
CA THR B 35 -1.15 24.69 -2.82
C THR B 35 -2.28 25.44 -2.11
N CYS B 36 -2.02 25.90 -0.90
CA CYS B 36 -3.02 26.61 -0.13
C CYS B 36 -2.46 27.91 0.43
N THR B 37 -3.36 28.84 0.76
CA THR B 37 -2.95 30.11 1.33
C THR B 37 -3.14 30.11 2.85
N LEU B 38 -2.14 30.60 3.56
CA LEU B 38 -2.21 30.70 5.02
C LEU B 38 -2.36 32.14 5.48
N ARG B 39 -3.39 32.41 6.27
CA ARG B 39 -3.57 33.74 6.85
C ARG B 39 -3.07 33.76 8.30
N ILE B 40 -2.21 34.75 8.60
CA ILE B 40 -1.71 34.93 9.94
C ILE B 40 -2.28 36.20 10.57
N SER B 41 -3.24 36.01 11.47
CA SER B 41 -3.87 37.11 12.20
C SER B 41 -3.47 37.04 13.68
N PRO B 42 -3.56 38.16 14.41
CA PRO B 42 -3.09 38.16 15.80
C PRO B 42 -3.91 37.27 16.72
N ASP B 43 -5.17 37.06 16.39
CA ASP B 43 -6.09 36.27 17.20
C ASP B 43 -6.26 34.84 16.69
N LYS B 44 -6.15 34.67 15.38
CA LYS B 44 -6.48 33.40 14.75
C LYS B 44 -5.52 32.96 13.64
N LEU B 45 -5.80 31.79 13.08
CA LEU B 45 -4.96 31.22 12.04
C LEU B 45 -5.83 30.58 10.96
N ASN B 46 -5.55 30.85 9.69
CA ASN B 46 -6.44 30.42 8.62
C ASN B 46 -5.75 29.72 7.44
N PHE B 47 -6.47 28.78 6.80
CA PHE B 47 -6.00 28.11 5.61
C PHE B 47 -7.03 28.25 4.51
N ILE B 48 -6.63 28.78 3.35
CA ILE B 48 -7.58 29.09 2.28
C ILE B 48 -7.19 28.48 0.93
N LEU B 49 -8.19 27.97 0.21
CA LEU B 49 -8.04 27.53 -1.16
C LEU B 49 -9.22 28.02 -2.00
N CYS B 50 -8.95 28.87 -2.98
CA CYS B 50 -10.02 29.44 -3.80
C CYS B 50 -9.68 29.53 -5.28
N VAL B 58 -14.25 25.16 -6.40
CA VAL B 58 -14.24 24.55 -5.09
C VAL B 58 -13.39 25.36 -4.10
N SER B 59 -14.03 25.83 -3.03
CA SER B 59 -13.35 26.61 -2.02
C SER B 59 -13.30 25.88 -0.68
N MET B 60 -12.22 26.11 0.06
CA MET B 60 -12.06 25.52 1.38
C MET B 60 -11.52 26.58 2.34
N TRP B 61 -12.28 26.84 3.40
CA TRP B 61 -11.90 27.82 4.39
C TRP B 61 -11.78 27.15 5.75
N CYS B 62 -10.65 27.37 6.42
CA CYS B 62 -10.38 26.71 7.69
C CYS B 62 -9.82 27.69 8.72
N GLU B 63 -10.49 27.78 9.88
CA GLU B 63 -10.10 28.74 10.90
C GLU B 63 -9.59 28.03 12.17
N LEU B 64 -8.58 28.62 12.81
CA LEU B 64 -8.01 28.09 14.05
C LEU B 64 -8.00 29.16 15.13
N GLU B 65 -8.21 28.75 16.38
CA GLU B 65 -8.04 29.65 17.52
C GLU B 65 -6.62 29.54 18.04
N GLN B 66 -5.85 30.61 17.85
CA GLN B 66 -4.42 30.62 18.12
C GLN B 66 -4.02 30.24 19.55
N GLU B 67 -4.69 30.85 20.52
CA GLU B 67 -4.34 30.64 21.93
C GLU B 67 -4.56 29.20 22.39
N ASN B 68 -5.34 28.43 21.62
CA ASN B 68 -5.58 27.03 21.91
C ASN B 68 -4.42 26.12 21.56
N PHE B 69 -3.48 26.64 20.77
CA PHE B 69 -2.39 25.82 20.24
C PHE B 69 -1.01 26.25 20.71
N PHE B 70 -0.77 27.56 20.69
CA PHE B 70 0.58 28.08 20.88
C PHE B 70 0.83 28.64 22.27
N ASN B 71 2.06 28.48 22.76
CA ASN B 71 2.49 29.06 24.01
C ASN B 71 2.94 30.49 23.80
N GLU B 72 3.62 30.74 22.69
CA GLU B 72 4.07 32.07 22.32
C GLU B 72 3.53 32.42 20.94
N PHE B 73 3.28 33.72 20.71
CA PHE B 73 2.68 34.16 19.46
C PHE B 73 2.87 35.66 19.26
N GLN B 74 3.49 36.03 18.15
CA GLN B 74 3.70 37.44 17.82
C GLN B 74 3.39 37.72 16.36
N MET B 75 2.54 38.71 16.11
CA MET B 75 2.08 39.02 14.77
C MET B 75 2.16 40.52 14.49
N GLU B 76 2.80 40.88 13.37
CA GLU B 76 2.96 42.27 12.98
C GLU B 76 2.91 42.47 11.47
N GLY B 77 1.96 43.28 11.02
CA GLY B 77 1.79 43.58 9.62
C GLY B 77 1.60 45.08 9.55
N VAL B 78 2.19 45.72 8.56
CA VAL B 78 2.41 47.16 8.63
C VAL B 78 1.17 48.05 8.74
N SER B 79 0.14 47.78 7.96
CA SER B 79 -1.03 48.65 7.99
C SER B 79 -2.36 47.88 8.00
N ASN B 83 -3.55 44.25 10.28
CA ASN B 83 -3.19 43.31 11.32
C ASN B 83 -3.20 41.88 10.78
N GLU B 84 -3.24 41.75 9.45
CA GLU B 84 -3.25 40.44 8.82
C GLU B 84 -2.01 40.20 7.98
N ILE B 85 -1.68 38.92 7.78
CA ILE B 85 -0.58 38.52 6.91
C ILE B 85 -1.00 37.31 6.09
N TYR B 86 -0.85 37.42 4.78
CA TYR B 86 -1.21 36.32 3.89
C TYR B 86 0.02 35.79 3.16
N LEU B 87 0.09 34.46 3.02
CA LEU B 87 1.14 33.82 2.25
C LEU B 87 0.71 32.42 1.86
N GLU B 88 1.00 32.02 0.63
CA GLU B 88 0.58 30.71 0.18
C GLU B 88 1.74 29.71 0.19
N LEU B 89 1.43 28.49 0.61
CA LEU B 89 2.41 27.42 0.72
C LEU B 89 2.04 26.26 -0.17
N THR B 90 2.96 25.31 -0.29
CA THR B 90 2.57 23.97 -0.72
C THR B 90 2.33 23.19 0.57
N SER B 91 1.11 22.69 0.74
CA SER B 91 0.68 22.10 2.00
C SER B 91 1.49 20.85 2.38
N GLU B 92 2.02 20.17 1.38
CA GLU B 92 2.88 19.01 1.63
C GLU B 92 4.11 19.40 2.44
N ASN B 93 4.66 20.58 2.14
CA ASN B 93 5.86 21.07 2.83
C ASN B 93 5.61 21.34 4.31
N LEU B 94 4.45 21.89 4.64
CA LEU B 94 4.12 22.17 6.03
C LEU B 94 3.82 20.88 6.79
N SER B 95 3.10 19.97 6.15
CA SER B 95 2.75 18.70 6.77
C SER B 95 3.98 17.84 7.06
N ARG B 96 4.87 17.73 6.07
CA ARG B 96 6.12 16.99 6.26
C ARG B 96 6.92 17.52 7.44
N ALA B 97 7.02 18.85 7.52
CA ALA B 97 7.81 19.48 8.56
C ALA B 97 7.24 19.20 9.96
N LEU B 98 5.92 19.22 10.07
CA LEU B 98 5.26 18.96 11.35
C LEU B 98 5.41 17.51 11.79
N LYS B 99 5.36 16.59 10.83
CA LYS B 99 5.41 15.14 11.11
C LYS B 99 6.67 14.74 11.87
N THR B 100 7.71 15.56 11.75
CA THR B 100 8.96 15.34 12.48
C THR B 100 8.77 15.56 13.98
N ALA B 101 7.84 16.45 14.32
CA ALA B 101 7.58 16.78 15.72
C ALA B 101 6.53 15.86 16.33
N GLN B 102 6.52 14.59 15.93
CA GLN B 102 5.52 13.64 16.40
C GLN B 102 5.61 13.44 17.91
N ASN B 103 6.80 13.61 18.47
CA ASN B 103 7.02 13.46 19.90
C ASN B 103 8.00 14.50 20.43
N ALA B 104 8.20 15.56 19.66
CA ALA B 104 9.21 16.57 19.96
C ALA B 104 8.96 17.29 21.29
N ARG B 105 9.95 18.08 21.71
CA ARG B 105 9.88 18.82 22.96
C ARG B 105 9.46 20.27 22.71
N ALA B 106 9.89 20.81 21.58
CA ALA B 106 9.63 22.21 21.25
C ALA B 106 9.38 22.39 19.76
N LEU B 107 8.40 23.23 19.44
CA LEU B 107 8.06 23.50 18.05
C LEU B 107 7.98 25.01 17.81
N LYS B 108 9.01 25.55 17.16
CA LYS B 108 9.13 27.00 16.98
C LYS B 108 8.95 27.39 15.52
N ILE B 109 7.99 28.28 15.25
CA ILE B 109 7.71 28.72 13.89
C ILE B 109 7.92 30.22 13.74
N LYS B 110 8.82 30.61 12.83
CA LYS B 110 9.09 32.02 12.57
C LYS B 110 9.29 32.28 11.07
N LEU B 111 8.88 33.46 10.63
CA LEU B 111 9.08 33.90 9.28
C LEU B 111 10.48 34.33 9.11
N THR B 112 11.12 33.91 8.05
CA THR B 112 12.47 34.40 7.78
C THR B 112 12.63 34.90 6.35
N ASN B 113 13.75 35.56 6.09
CA ASN B 113 14.10 35.96 4.75
C ASN B 113 15.61 35.82 4.54
N LYS B 114 16.02 34.61 4.20
CA LYS B 114 17.43 34.31 3.96
C LYS B 114 17.75 34.39 2.48
N HIS B 115 17.76 33.23 1.81
CA HIS B 115 17.96 33.18 0.38
C HIS B 115 16.69 33.68 -0.32
N PHE B 116 15.55 33.24 0.20
CA PHE B 116 14.26 33.75 -0.23
C PHE B 116 13.33 33.72 0.98
N PRO B 117 12.25 34.53 0.96
CA PRO B 117 11.34 34.54 2.11
C PRO B 117 10.75 33.16 2.38
N CYS B 118 10.96 32.66 3.60
CA CYS B 118 10.50 31.33 3.99
C CYS B 118 9.63 31.32 5.24
N LEU B 119 8.98 30.19 5.50
CA LEU B 119 8.32 29.96 6.77
C LEU B 119 9.09 28.88 7.50
N THR B 120 9.95 29.28 8.43
CA THR B 120 10.88 28.33 9.05
C THR B 120 10.31 27.66 10.29
N VAL B 121 10.36 26.32 10.28
CA VAL B 121 9.92 25.54 11.43
C VAL B 121 11.12 24.89 12.09
N SER B 122 11.42 25.33 13.31
CA SER B 122 12.50 24.74 14.10
C SER B 122 11.94 23.70 15.05
N VAL B 123 12.60 22.56 15.13
CA VAL B 123 12.14 21.48 15.99
C VAL B 123 13.24 20.96 16.91
N GLU B 124 12.99 21.03 18.22
CA GLU B 124 13.84 20.36 19.20
C GLU B 124 13.44 18.91 19.28
N LEU B 125 14.11 18.03 18.58
CA LEU B 125 13.77 16.64 18.70
C LEU B 125 14.14 16.07 20.05
N LEU B 126 13.50 14.96 20.36
CA LEU B 126 13.61 14.34 21.64
C LEU B 126 15.04 13.97 21.82
N SER B 127 15.61 14.40 22.94
CA SER B 127 16.99 14.14 23.15
C SER B 127 16.98 12.75 23.66
N MET B 128 17.54 11.85 22.87
CA MET B 128 17.62 10.45 23.23
C MET B 128 18.44 10.47 24.48
N SER B 129 19.40 11.36 24.42
CA SER B 129 20.20 11.72 25.58
C SER B 129 21.14 12.85 25.19
N SER B 130 21.90 13.34 26.17
CA SER B 130 23.02 14.23 25.92
C SER B 130 22.62 15.56 25.29
N SER B 131 22.77 15.66 23.98
CA SER B 131 22.56 16.92 23.27
C SER B 131 21.19 17.02 22.60
N SER B 132 20.86 18.23 22.14
CA SER B 132 19.60 18.47 21.47
C SER B 132 19.71 18.18 19.98
N ARG B 133 18.77 17.40 19.47
CA ARG B 133 18.66 17.17 18.04
C ARG B 133 17.80 18.28 17.43
N ILE B 134 18.39 19.11 16.58
CA ILE B 134 17.67 20.26 16.04
C ILE B 134 17.44 20.16 14.53
N VAL B 135 16.17 20.09 14.14
CA VAL B 135 15.82 20.10 12.73
C VAL B 135 15.31 21.47 12.31
N THR B 136 15.64 21.88 11.09
CA THR B 136 15.18 23.16 10.59
C THR B 136 14.68 23.03 9.16
N HIS B 137 13.39 23.30 8.97
CA HIS B 137 12.77 23.26 7.66
C HIS B 137 12.51 24.67 7.16
N ASP B 138 13.15 25.03 6.04
CA ASP B 138 12.87 26.29 5.37
C ASP B 138 11.77 26.10 4.34
N ILE B 139 10.53 26.37 4.73
CA ILE B 139 9.39 26.26 3.82
C ILE B 139 9.24 27.51 2.97
N PRO B 140 9.43 27.39 1.65
CA PRO B 140 9.29 28.53 0.73
C PRO B 140 7.87 29.10 0.71
N ILE B 141 7.74 30.42 0.69
CA ILE B 141 6.43 31.06 0.72
C ILE B 141 6.23 32.05 -0.43
N LYS B 142 5.03 32.62 -0.49
CA LYS B 142 4.69 33.65 -1.47
C LYS B 142 3.81 34.72 -0.80
N VAL B 143 4.39 35.91 -0.58
CA VAL B 143 3.66 36.98 0.08
C VAL B 143 2.56 37.53 -0.82
N ILE B 144 1.43 37.89 -0.22
CA ILE B 144 0.29 38.39 -0.98
C ILE B 144 -0.01 39.85 -0.61
N PRO B 145 -0.05 40.74 -1.63
CA PRO B 145 -0.35 42.15 -1.42
C PRO B 145 -1.82 42.41 -1.04
N ARG B 146 -2.08 43.48 -0.29
CA ARG B 146 -3.42 43.79 0.21
C ARG B 146 -4.44 43.94 -0.92
N LYS B 147 -3.96 44.20 -2.13
CA LYS B 147 -4.83 44.33 -3.29
C LYS B 147 -5.55 43.01 -3.61
N LEU B 148 -5.02 41.91 -3.09
CA LEU B 148 -5.59 40.60 -3.34
C LEU B 148 -6.27 40.00 -2.12
N TRP B 149 -6.07 40.62 -0.96
CA TRP B 149 -6.66 40.13 0.29
C TRP B 149 -8.18 40.09 0.22
N LYS B 150 -8.77 41.08 -0.44
CA LYS B 150 -10.22 41.17 -0.57
C LYS B 150 -10.80 39.98 -1.32
N ASP B 151 -10.06 39.50 -2.32
CA ASP B 151 -10.52 38.38 -3.15
C ASP B 151 -10.15 37.04 -2.53
N LEU B 152 -9.77 37.06 -1.25
CA LEU B 152 -9.25 35.89 -0.59
C LEU B 152 -9.92 35.70 0.77
N GLN B 153 -11.12 36.25 0.91
CA GLN B 153 -11.82 36.24 2.19
C GLN B 153 -12.76 35.05 2.29
N GLU B 154 -13.25 34.79 3.50
CA GLU B 154 -14.18 33.69 3.75
C GLU B 154 -15.46 33.85 2.93
N PRO B 155 -15.73 32.87 2.05
CA PRO B 155 -16.94 32.88 1.24
C PRO B 155 -18.21 32.90 2.09
N VAL B 156 -18.98 33.97 1.98
CA VAL B 156 -20.23 34.13 2.73
C VAL B 156 -21.20 33.00 2.39
N VAL B 157 -22.00 32.58 3.37
CA VAL B 157 -23.06 31.60 3.15
C VAL B 157 -24.38 32.33 2.85
N PRO B 158 -24.68 32.57 1.56
CA PRO B 158 -25.92 33.26 1.23
C PRO B 158 -27.12 32.37 1.49
N ASP B 159 -27.96 32.77 2.45
CA ASP B 159 -29.05 31.95 3.00
C ASP B 159 -29.60 30.86 2.07
N PRO B 160 -29.40 29.59 2.46
CA PRO B 160 -29.68 28.42 1.63
C PRO B 160 -31.17 28.07 1.56
N ASP B 161 -31.52 27.18 0.63
CA ASP B 161 -32.88 26.66 0.54
C ASP B 161 -33.15 25.70 1.70
N VAL B 162 -32.23 24.74 1.87
CA VAL B 162 -32.35 23.75 2.93
C VAL B 162 -31.06 23.68 3.77
N SER B 163 -31.23 23.56 5.09
CA SER B 163 -30.11 23.33 6.00
C SER B 163 -30.39 22.09 6.84
N ILE B 164 -29.55 21.07 6.72
CA ILE B 164 -29.78 19.81 7.41
C ILE B 164 -28.49 19.25 8.04
N TYR B 165 -28.61 18.69 9.23
CA TYR B 165 -27.46 18.06 9.89
C TYR B 165 -27.00 16.84 9.11
N LEU B 166 -25.72 16.82 8.76
CA LEU B 166 -25.14 15.69 8.03
C LEU B 166 -25.18 14.41 8.86
N PRO B 167 -25.36 13.26 8.18
CA PRO B 167 -25.27 11.96 8.85
C PRO B 167 -23.83 11.59 9.19
N VAL B 168 -23.61 10.36 9.67
CA VAL B 168 -22.28 9.90 10.00
C VAL B 168 -21.40 9.91 8.75
N LEU B 169 -20.39 10.77 8.75
CA LEU B 169 -19.53 10.97 7.57
C LEU B 169 -18.88 9.68 7.06
N LYS B 170 -18.55 8.77 7.98
CA LYS B 170 -17.96 7.49 7.58
C LYS B 170 -18.92 6.71 6.71
N THR B 171 -20.21 6.73 7.06
CA THR B 171 -21.23 6.06 6.29
C THR B 171 -21.43 6.74 4.94
N MET B 172 -21.44 8.07 4.94
CA MET B 172 -21.50 8.84 3.69
C MET B 172 -20.33 8.50 2.79
N LYS B 173 -19.13 8.62 3.34
CA LYS B 173 -17.89 8.30 2.63
C LYS B 173 -17.91 6.89 2.05
N SER B 174 -18.45 5.94 2.81
CA SER B 174 -18.50 4.56 2.37
C SER B 174 -19.42 4.41 1.15
N VAL B 175 -20.56 5.09 1.19
CA VAL B 175 -21.54 5.03 0.10
C VAL B 175 -21.05 5.77 -1.14
N VAL B 176 -20.46 6.94 -0.91
CA VAL B 176 -19.95 7.74 -2.01
C VAL B 176 -18.82 7.01 -2.75
N GLU B 177 -17.99 6.29 -1.99
CA GLU B 177 -16.87 5.54 -2.56
C GLU B 177 -17.32 4.55 -3.63
N LYS B 178 -18.36 3.80 -3.34
CA LYS B 178 -18.84 2.78 -4.28
C LYS B 178 -19.55 3.41 -5.47
N MET B 179 -20.26 4.50 -5.24
CA MET B 179 -20.96 5.20 -6.31
C MET B 179 -19.98 5.78 -7.34
N LYS B 180 -18.82 6.22 -6.85
CA LYS B 180 -17.79 6.80 -7.72
C LYS B 180 -17.34 5.81 -8.81
N ASN B 181 -17.31 4.53 -8.45
CA ASN B 181 -16.88 3.48 -9.37
C ASN B 181 -17.85 3.29 -10.52
N ILE B 182 -19.01 3.93 -10.41
CA ILE B 182 -20.06 3.80 -11.42
C ILE B 182 -20.24 5.09 -12.24
N SER B 183 -20.40 6.21 -11.54
CA SER B 183 -20.58 7.50 -12.23
C SER B 183 -19.84 8.64 -11.54
N ASN B 184 -19.64 9.71 -12.27
CA ASN B 184 -19.00 10.88 -11.72
C ASN B 184 -19.98 11.99 -11.46
N HIS B 185 -21.26 11.70 -11.57
CA HIS B 185 -22.31 12.66 -11.41
C HIS B 185 -23.10 12.28 -10.18
N LEU B 186 -23.17 13.13 -9.17
CA LEU B 186 -23.96 12.80 -7.98
C LEU B 186 -25.07 13.82 -7.79
N VAL B 187 -26.29 13.35 -7.59
CA VAL B 187 -27.39 14.23 -7.26
C VAL B 187 -27.67 14.13 -5.76
N ILE B 188 -27.47 15.24 -5.04
CA ILE B 188 -27.78 15.27 -3.62
C ILE B 188 -28.95 16.22 -3.37
N GLU B 189 -30.01 15.70 -2.78
CA GLU B 189 -31.19 16.48 -2.46
C GLU B 189 -31.55 16.35 -0.98
N ALA B 190 -31.76 17.49 -0.32
CA ALA B 190 -32.09 17.50 1.10
C ALA B 190 -33.50 18.03 1.31
N ASN B 191 -34.13 17.57 2.38
CA ASN B 191 -35.51 17.93 2.69
C ASN B 191 -35.63 18.50 4.09
N LEU B 192 -36.56 19.43 4.28
CA LEU B 192 -36.67 20.16 5.54
C LEU B 192 -37.34 19.37 6.67
N ASP B 193 -37.60 18.09 6.43
CA ASP B 193 -38.19 17.25 7.47
C ASP B 193 -37.15 16.25 8.00
N GLY B 194 -35.99 16.21 7.35
CA GLY B 194 -34.91 15.35 7.81
C GLY B 194 -34.43 14.36 6.77
N GLU B 195 -34.83 14.56 5.52
CA GLU B 195 -34.48 13.64 4.44
C GLU B 195 -33.28 14.13 3.63
N LEU B 196 -32.36 13.22 3.35
CA LEU B 196 -31.25 13.50 2.45
C LEU B 196 -31.02 12.31 1.53
N ASN B 197 -30.89 12.57 0.24
CA ASN B 197 -30.74 11.50 -0.74
C ASN B 197 -29.49 11.64 -1.59
N LEU B 198 -28.75 10.54 -1.74
CA LEU B 198 -27.65 10.48 -2.69
C LEU B 198 -28.09 9.61 -3.87
N LYS B 199 -27.84 10.09 -5.08
CA LYS B 199 -28.49 9.52 -6.26
C LYS B 199 -27.63 9.58 -7.52
N ILE B 200 -27.47 8.43 -8.18
CA ILE B 200 -26.73 8.36 -9.45
C ILE B 200 -27.55 7.62 -10.49
N GLU B 201 -27.39 7.98 -11.77
CA GLU B 201 -28.12 7.32 -12.84
C GLU B 201 -27.21 6.99 -14.03
N THR B 202 -27.47 5.84 -14.65
CA THR B 202 -26.68 5.36 -15.78
C THR B 202 -27.59 4.51 -16.67
N GLU B 203 -27.17 4.28 -17.92
CA GLU B 203 -27.92 3.45 -18.86
C GLU B 203 -28.19 2.06 -18.30
N LEU B 204 -27.22 1.53 -17.56
CA LEU B 204 -27.30 0.17 -17.04
C LEU B 204 -27.77 0.09 -15.58
N VAL B 205 -27.43 1.10 -14.79
CA VAL B 205 -27.70 1.01 -13.36
C VAL B 205 -28.12 2.33 -12.72
N CYS B 206 -29.10 2.27 -11.82
CA CYS B 206 -29.50 3.41 -11.00
C CYS B 206 -29.37 3.06 -9.52
N VAL B 207 -28.85 4.00 -8.74
CA VAL B 207 -28.69 3.81 -7.30
C VAL B 207 -29.14 5.05 -6.56
N THR B 208 -29.98 4.86 -5.55
CA THR B 208 -30.42 5.93 -4.68
C THR B 208 -30.28 5.51 -3.22
N THR B 209 -29.53 6.28 -2.45
CA THR B 209 -29.38 6.03 -1.03
C THR B 209 -30.25 7.00 -0.23
N HIS B 210 -31.01 6.48 0.73
CA HIS B 210 -31.93 7.32 1.51
C HIS B 210 -31.47 7.50 2.95
N PHE B 211 -31.19 8.75 3.33
CA PHE B 211 -30.87 9.09 4.70
C PHE B 211 -32.09 9.69 5.38
N LYS B 212 -32.26 9.39 6.67
CA LYS B 212 -33.50 9.71 7.38
C LYS B 212 -33.27 10.17 8.82
N ASP B 213 -34.17 11.02 9.31
CA ASP B 213 -34.15 11.50 10.69
C ASP B 213 -32.84 12.19 11.08
N LEU B 214 -32.39 13.10 10.23
CA LEU B 214 -31.10 13.76 10.45
C LEU B 214 -31.25 15.03 11.29
N GLY B 215 -32.40 15.68 11.17
CA GLY B 215 -32.66 16.89 11.93
C GLY B 215 -32.17 18.14 11.21
N ASN B 216 -32.84 19.26 11.47
CA ASN B 216 -32.51 20.54 10.85
C ASN B 216 -32.34 21.65 11.89
N PRO B 217 -31.47 22.63 11.60
CA PRO B 217 -31.39 23.84 12.43
C PRO B 217 -32.56 24.78 12.11
N PRO B 218 -32.89 25.70 13.02
CA PRO B 218 -33.99 26.64 12.79
C PRO B 218 -33.61 27.76 11.82
N HIS B 232 -40.08 21.61 0.89
CA HIS B 232 -39.59 21.20 -0.44
C HIS B 232 -38.20 20.61 -0.41
N MET B 233 -37.83 19.93 -1.49
CA MET B 233 -36.53 19.29 -1.62
C MET B 233 -35.64 20.01 -2.62
N ALA B 234 -34.68 20.78 -2.11
CA ALA B 234 -33.69 21.42 -2.97
C ALA B 234 -32.59 20.44 -3.33
N GLU B 235 -32.23 20.38 -4.60
CA GLU B 235 -31.20 19.44 -5.06
C GLU B 235 -30.06 20.16 -5.75
N VAL B 236 -28.97 19.44 -5.98
CA VAL B 236 -27.84 20.02 -6.70
C VAL B 236 -26.99 18.90 -7.31
N HIS B 237 -26.74 18.98 -8.61
CA HIS B 237 -25.85 18.06 -9.30
C HIS B 237 -24.40 18.44 -9.07
N ILE B 238 -23.65 17.57 -8.39
CA ILE B 238 -22.24 17.88 -8.11
C ILE B 238 -21.31 16.82 -8.65
N ASP B 239 -20.05 17.22 -8.82
CA ASP B 239 -18.97 16.29 -9.16
C ASP B 239 -18.71 15.41 -7.95
N ILE B 240 -18.92 14.11 -8.10
CA ILE B 240 -18.82 13.21 -6.96
C ILE B 240 -17.40 13.10 -6.43
N ARG B 241 -16.42 13.39 -7.29
CA ARG B 241 -15.02 13.36 -6.89
C ARG B 241 -14.74 14.41 -5.82
N LYS B 242 -15.31 15.60 -6.02
CA LYS B 242 -15.11 16.72 -5.13
C LYS B 242 -15.73 16.47 -3.75
N LEU B 243 -16.83 15.73 -3.72
CA LEU B 243 -17.45 15.36 -2.46
C LEU B 243 -16.60 14.33 -1.72
N LEU B 244 -16.10 13.35 -2.46
CA LEU B 244 -15.29 12.30 -1.87
C LEU B 244 -13.95 12.85 -1.39
N GLN B 245 -13.44 13.86 -2.09
CA GLN B 245 -12.22 14.53 -1.68
C GLN B 245 -12.42 15.22 -0.33
N PHE B 246 -13.67 15.58 -0.06
CA PHE B 246 -14.01 16.24 1.19
C PHE B 246 -14.18 15.24 2.32
N LEU B 247 -14.89 14.15 2.05
CA LEU B 247 -15.15 13.13 3.07
C LEU B 247 -13.86 12.38 3.45
N ALA B 248 -13.04 12.04 2.45
CA ALA B 248 -11.73 11.47 2.72
C ALA B 248 -10.77 12.60 3.04
N GLY B 249 -9.89 12.38 4.02
CA GLY B 249 -9.05 13.45 4.52
C GLY B 249 -9.76 14.15 5.65
N GLN B 250 -10.84 13.53 6.13
CA GLN B 250 -11.55 14.01 7.30
C GLN B 250 -11.15 13.16 8.50
N GLN B 251 -10.43 13.77 9.44
CA GLN B 251 -9.84 13.05 10.57
C GLN B 251 -10.85 12.24 11.39
N VAL B 252 -11.78 12.92 12.05
CA VAL B 252 -12.76 12.26 12.91
C VAL B 252 -14.17 12.74 12.56
N ASN B 253 -15.18 11.93 12.89
CA ASN B 253 -16.56 12.39 12.84
C ASN B 253 -16.71 13.63 13.70
N PRO B 254 -16.98 14.79 13.08
CA PRO B 254 -16.99 16.07 13.79
C PRO B 254 -18.15 16.18 14.78
N THR B 255 -18.04 17.12 15.72
CA THR B 255 -19.09 17.36 16.69
C THR B 255 -20.20 18.23 16.08
N LYS B 256 -19.90 18.86 14.96
CA LYS B 256 -20.88 19.67 14.25
C LYS B 256 -20.75 19.48 12.74
N ALA B 257 -21.62 18.65 12.16
CA ALA B 257 -21.62 18.41 10.73
C ALA B 257 -22.91 18.95 10.11
N LEU B 258 -22.78 19.95 9.25
CA LEU B 258 -23.95 20.62 8.69
C LEU B 258 -23.84 20.79 7.18
N CYS B 259 -24.94 20.56 6.48
CA CYS B 259 -24.98 20.68 5.03
C CYS B 259 -26.00 21.72 4.55
N ASN B 260 -25.50 22.76 3.91
CA ASN B 260 -26.35 23.80 3.33
C ASN B 260 -26.46 23.64 1.82
N ILE B 261 -27.67 23.77 1.28
CA ILE B 261 -27.87 23.59 -0.15
C ILE B 261 -28.63 24.75 -0.81
N VAL B 262 -28.00 25.41 -1.78
CA VAL B 262 -28.67 26.35 -2.65
C VAL B 262 -29.05 25.64 -3.94
N ASN B 263 -30.33 25.69 -4.30
CA ASN B 263 -30.88 24.86 -5.37
C ASN B 263 -30.14 24.95 -6.70
N ASN B 264 -29.51 23.83 -7.07
CA ASN B 264 -28.81 23.68 -8.36
C ASN B 264 -27.77 24.76 -8.64
N LYS B 265 -27.08 25.21 -7.60
CA LYS B 265 -26.00 26.18 -7.74
C LYS B 265 -24.81 25.85 -6.85
N MET B 266 -25.11 25.41 -5.63
CA MET B 266 -24.11 25.38 -4.57
C MET B 266 -24.46 24.42 -3.44
N VAL B 267 -23.44 23.75 -2.89
CA VAL B 267 -23.60 23.01 -1.66
C VAL B 267 -22.47 23.39 -0.69
N HIS B 268 -22.81 23.58 0.57
CA HIS B 268 -21.85 24.07 1.56
C HIS B 268 -21.86 23.24 2.83
N PHE B 269 -20.68 22.81 3.27
CA PHE B 269 -20.57 22.00 4.48
C PHE B 269 -19.93 22.79 5.62
N ASP B 270 -20.75 23.18 6.59
CA ASP B 270 -20.28 23.87 7.78
C ASP B 270 -19.87 22.85 8.84
N LEU B 271 -18.60 22.89 9.23
CA LEU B 271 -18.06 21.92 10.18
C LEU B 271 -17.33 22.60 11.34
N LEU B 272 -17.52 22.06 12.53
CA LEU B 272 -16.78 22.48 13.69
C LEU B 272 -16.42 21.29 14.56
N HIS B 273 -15.18 21.19 15.00
CA HIS B 273 -14.79 20.17 15.93
C HIS B 273 -13.70 20.64 16.83
N GLU B 274 -13.83 20.57 18.15
CA GLU B 274 -12.62 20.84 18.86
C GLU B 274 -11.97 22.16 18.49
N ASP B 275 -12.77 23.21 18.38
CA ASP B 275 -12.26 24.56 18.24
C ASP B 275 -11.44 24.82 17.02
N VAL B 276 -11.95 24.27 15.94
CA VAL B 276 -11.44 24.34 14.57
C VAL B 276 -12.60 24.33 13.58
N SER B 277 -12.89 25.50 13.02
CA SER B 277 -13.95 25.60 12.02
C SER B 277 -13.45 25.15 10.66
N LEU B 278 -14.35 24.65 9.84
CA LEU B 278 -13.98 24.21 8.51
C LEU B 278 -15.13 24.36 7.51
N GLN B 279 -14.95 25.27 6.55
CA GLN B 279 -15.96 25.51 5.53
C GLN B 279 -15.52 24.91 4.20
N TYR B 280 -16.42 24.19 3.54
CA TYR B 280 -16.11 23.58 2.25
C TYR B 280 -17.25 23.84 1.27
N PHE B 281 -16.90 24.29 0.07
CA PHE B 281 -17.89 24.72 -0.90
C PHE B 281 -17.71 24.01 -2.24
N ILE B 282 -18.72 23.25 -2.64
CA ILE B 282 -18.70 22.59 -3.94
C ILE B 282 -19.78 23.17 -4.86
N PRO B 283 -19.36 23.66 -6.04
CA PRO B 283 -20.31 24.25 -6.98
C PRO B 283 -21.06 23.20 -7.80
N ALA B 284 -22.23 23.58 -8.33
CA ALA B 284 -22.99 22.69 -9.19
C ALA B 284 -22.34 22.57 -10.55
N LEU B 285 -22.90 21.74 -11.42
CA LEU B 285 -22.38 21.56 -12.76
C LEU B 285 -23.21 22.32 -13.80
N ASP C 13 -47.13 -9.92 -13.15
CA ASP C 13 -47.72 -9.45 -11.90
C ASP C 13 -46.78 -9.71 -10.73
N GLN C 14 -46.85 -10.92 -10.17
CA GLN C 14 -45.94 -11.31 -9.11
C GLN C 14 -44.52 -11.43 -9.65
N TYR C 15 -43.54 -11.24 -8.78
CA TYR C 15 -42.14 -11.37 -9.16
C TYR C 15 -41.81 -12.80 -9.59
N SER C 16 -40.74 -12.95 -10.34
CA SER C 16 -40.30 -14.26 -10.81
C SER C 16 -39.26 -14.86 -9.86
N LEU C 17 -38.70 -14.00 -9.00
CA LEU C 17 -37.70 -14.42 -8.04
C LEU C 17 -37.49 -13.36 -6.95
N VAL C 18 -37.53 -13.79 -5.69
CA VAL C 18 -37.22 -12.91 -4.58
C VAL C 18 -36.28 -13.60 -3.59
N ALA C 19 -35.42 -12.82 -2.96
CA ALA C 19 -34.44 -13.37 -2.01
C ALA C 19 -34.11 -12.35 -0.93
N SER C 20 -34.11 -12.80 0.33
CA SER C 20 -33.78 -11.93 1.45
C SER C 20 -32.61 -12.48 2.25
N LEU C 21 -31.84 -11.58 2.86
CA LEU C 21 -30.74 -11.95 3.74
C LEU C 21 -30.66 -10.97 4.90
N ASP C 22 -30.48 -11.49 6.11
CA ASP C 22 -30.27 -10.63 7.27
C ASP C 22 -28.85 -10.09 7.23
N ASN C 23 -28.00 -10.79 6.50
CA ASN C 23 -26.61 -10.40 6.29
C ASN C 23 -26.25 -10.53 4.82
N VAL C 24 -26.03 -9.40 4.15
CA VAL C 24 -25.76 -9.39 2.72
C VAL C 24 -24.43 -10.07 2.39
N ARG C 25 -23.49 -10.02 3.33
CA ARG C 25 -22.14 -10.58 3.10
C ARG C 25 -22.18 -12.10 2.91
N ASN C 26 -23.31 -12.72 3.24
CA ASN C 26 -23.51 -14.14 3.00
C ASN C 26 -23.83 -14.42 1.54
N LEU C 27 -23.65 -13.39 0.72
CA LEU C 27 -23.79 -13.50 -0.73
C LEU C 27 -22.61 -12.84 -1.42
N SER C 28 -22.18 -11.70 -0.87
CA SER C 28 -21.09 -10.91 -1.44
C SER C 28 -19.75 -11.64 -1.45
N THR C 29 -19.43 -12.29 -0.34
CA THR C 29 -18.14 -12.96 -0.19
C THR C 29 -17.96 -14.05 -1.24
N ILE C 30 -19.03 -14.80 -1.46
CA ILE C 30 -19.03 -15.92 -2.40
C ILE C 30 -18.87 -15.46 -3.84
N LEU C 31 -19.50 -14.33 -4.16
CA LEU C 31 -19.40 -13.76 -5.50
C LEU C 31 -18.00 -13.21 -5.76
N LYS C 32 -17.31 -12.81 -4.70
CA LYS C 32 -15.95 -12.32 -4.83
C LYS C 32 -15.03 -13.43 -5.30
N ALA C 33 -15.36 -14.67 -4.91
CA ALA C 33 -14.56 -15.84 -5.27
C ALA C 33 -14.76 -16.23 -6.74
N ILE C 34 -15.61 -15.48 -7.43
CA ILE C 34 -16.00 -15.79 -8.80
C ILE C 34 -15.71 -14.58 -9.70
N HIS C 35 -15.43 -13.46 -9.07
CA HIS C 35 -15.34 -12.19 -9.79
C HIS C 35 -14.01 -11.98 -10.52
N PHE C 36 -13.89 -12.53 -11.72
CA PHE C 36 -12.73 -12.27 -12.57
C PHE C 36 -13.17 -11.96 -14.00
N ARG C 37 -14.46 -11.74 -14.18
CA ARG C 37 -14.98 -11.21 -15.43
C ARG C 37 -15.99 -10.12 -15.11
N GLU C 38 -16.38 -9.35 -16.12
CA GLU C 38 -17.31 -8.25 -15.91
C GLU C 38 -18.74 -8.75 -15.77
N HIS C 39 -19.08 -9.79 -16.53
CA HIS C 39 -20.45 -10.31 -16.55
C HIS C 39 -20.56 -11.73 -16.02
N ALA C 40 -21.70 -12.01 -15.40
CA ALA C 40 -21.96 -13.33 -14.83
C ALA C 40 -23.36 -13.81 -15.23
N THR C 41 -23.54 -15.12 -15.28
CA THR C 41 -24.83 -15.70 -15.58
C THR C 41 -25.43 -16.28 -14.30
N CYS C 42 -26.68 -15.94 -14.03
CA CYS C 42 -27.36 -16.42 -12.83
C CYS C 42 -28.43 -17.47 -13.16
N PHE C 43 -28.41 -18.58 -12.43
CA PHE C 43 -29.37 -19.65 -12.61
C PHE C 43 -30.13 -19.93 -11.31
N ALA C 44 -31.37 -19.47 -11.25
CA ALA C 44 -32.17 -19.64 -10.04
C ALA C 44 -33.18 -20.77 -10.19
N THR C 45 -33.05 -21.79 -9.35
CA THR C 45 -34.03 -22.87 -9.30
C THR C 45 -34.58 -23.00 -7.89
N LYS C 46 -35.22 -24.14 -7.62
CA LYS C 46 -35.77 -24.42 -6.30
C LYS C 46 -34.66 -24.58 -5.27
N ASN C 47 -33.48 -24.95 -5.75
CA ASN C 47 -32.34 -25.22 -4.87
C ASN C 47 -31.27 -24.13 -4.93
N GLY C 48 -31.67 -22.90 -4.69
CA GLY C 48 -30.75 -21.78 -4.64
C GLY C 48 -30.37 -21.20 -5.99
N ILE C 49 -29.30 -20.41 -6.00
CA ILE C 49 -28.82 -19.77 -7.21
C ILE C 49 -27.47 -20.32 -7.63
N LYS C 50 -27.25 -20.47 -8.93
CA LYS C 50 -25.96 -20.93 -9.43
C LYS C 50 -25.36 -19.87 -10.34
N VAL C 51 -24.50 -19.02 -9.79
CA VAL C 51 -23.85 -18.01 -10.59
C VAL C 51 -22.60 -18.60 -11.25
N THR C 52 -22.48 -18.41 -12.56
CA THR C 52 -21.35 -18.98 -13.29
C THR C 52 -20.65 -17.89 -14.09
N VAL C 53 -19.32 -17.91 -14.03
CA VAL C 53 -18.48 -16.99 -14.79
C VAL C 53 -17.49 -17.78 -15.62
N GLU C 54 -17.47 -17.49 -16.92
CA GLU C 54 -16.70 -18.28 -17.87
C GLU C 54 -15.85 -17.37 -18.75
N ASN C 55 -14.70 -17.86 -19.17
CA ASN C 55 -13.82 -17.10 -20.04
C ASN C 55 -13.05 -17.97 -21.02
N ALA C 56 -12.98 -17.52 -22.27
CA ALA C 56 -12.13 -18.12 -23.29
C ALA C 56 -12.49 -19.56 -23.67
N LYS C 57 -13.70 -19.99 -23.29
CA LYS C 57 -14.14 -21.37 -23.51
C LYS C 57 -13.10 -22.34 -22.95
N CYS C 58 -12.47 -21.96 -21.84
CA CYS C 58 -11.40 -22.74 -21.24
C CYS C 58 -11.45 -22.68 -19.71
N VAL C 59 -11.97 -21.58 -19.19
CA VAL C 59 -12.12 -21.40 -17.75
C VAL C 59 -13.58 -21.24 -17.38
N GLN C 60 -13.96 -21.82 -16.24
CA GLN C 60 -15.31 -21.65 -15.73
C GLN C 60 -15.36 -21.76 -14.22
N ALA C 61 -15.91 -20.75 -13.58
CA ALA C 61 -16.05 -20.75 -12.13
C ALA C 61 -17.53 -20.75 -11.76
N ASN C 62 -17.94 -21.72 -10.96
CA ASN C 62 -19.32 -21.82 -10.53
C ASN C 62 -19.48 -21.53 -9.05
N ALA C 63 -20.48 -20.73 -8.71
CA ALA C 63 -20.86 -20.50 -7.32
C ALA C 63 -22.29 -20.96 -7.09
N ALA C 64 -22.45 -22.06 -6.36
CA ALA C 64 -23.77 -22.60 -6.06
C ALA C 64 -24.13 -22.36 -4.60
N ILE C 65 -24.91 -21.32 -4.35
CA ILE C 65 -25.36 -21.07 -2.99
C ILE C 65 -26.77 -21.64 -2.79
N GLN C 66 -26.90 -22.46 -1.76
CA GLN C 66 -28.14 -23.18 -1.52
C GLN C 66 -29.20 -22.27 -0.92
N ALA C 67 -30.47 -22.67 -1.06
CA ALA C 67 -31.59 -21.86 -0.61
C ALA C 67 -31.67 -21.78 0.92
N GLY C 68 -30.96 -22.69 1.59
CA GLY C 68 -30.96 -22.72 3.04
C GLY C 68 -30.34 -21.49 3.67
N ILE C 69 -29.46 -20.83 2.92
CA ILE C 69 -28.80 -19.61 3.39
C ILE C 69 -29.81 -18.48 3.59
N PHE C 70 -30.70 -18.33 2.62
CA PHE C 70 -31.65 -17.22 2.60
C PHE C 70 -32.75 -17.33 3.66
N GLN C 71 -33.18 -16.17 4.16
CA GLN C 71 -34.31 -16.10 5.06
C GLN C 71 -35.60 -16.05 4.25
N GLU C 72 -35.43 -15.96 2.93
CA GLU C 72 -36.54 -15.89 1.99
C GLU C 72 -36.01 -16.21 0.58
N PHE C 73 -36.65 -17.16 -0.09
CA PHE C 73 -36.22 -17.55 -1.43
C PHE C 73 -37.36 -18.24 -2.20
N LYS C 74 -37.94 -17.51 -3.15
CA LYS C 74 -39.08 -18.02 -3.92
C LYS C 74 -38.84 -17.94 -5.42
N VAL C 75 -39.10 -19.04 -6.12
CA VAL C 75 -38.99 -19.07 -7.58
C VAL C 75 -40.31 -19.56 -8.17
N GLN C 76 -40.71 -18.99 -9.30
CA GLN C 76 -41.96 -19.37 -9.96
C GLN C 76 -41.79 -20.63 -10.80
N GLU C 77 -41.32 -20.46 -12.04
CA GLU C 77 -41.05 -21.59 -12.92
C GLU C 77 -39.80 -22.34 -12.44
N GLU C 78 -39.54 -23.50 -13.04
CA GLU C 78 -38.37 -24.29 -12.68
C GLU C 78 -37.07 -23.58 -13.03
N SER C 79 -37.06 -22.89 -14.16
CA SER C 79 -35.87 -22.21 -14.63
C SER C 79 -36.03 -20.69 -14.66
N VAL C 80 -35.05 -20.00 -14.10
CA VAL C 80 -34.94 -18.55 -14.18
C VAL C 80 -33.50 -18.17 -14.48
N THR C 81 -33.28 -17.43 -15.56
CA THR C 81 -31.92 -17.13 -15.99
C THR C 81 -31.78 -15.72 -16.55
N PHE C 82 -30.81 -14.98 -16.02
CA PHE C 82 -30.47 -13.67 -16.55
C PHE C 82 -28.97 -13.43 -16.48
N ARG C 83 -28.45 -12.63 -17.39
CA ARG C 83 -27.05 -12.24 -17.36
C ARG C 83 -26.93 -10.87 -16.69
N ILE C 84 -25.99 -10.76 -15.75
CA ILE C 84 -25.88 -9.56 -14.95
C ILE C 84 -24.44 -9.05 -14.93
N ASN C 85 -24.27 -7.76 -14.66
CA ASN C 85 -22.93 -7.19 -14.50
C ASN C 85 -22.41 -7.46 -13.11
N LEU C 86 -21.52 -8.45 -12.99
CA LEU C 86 -21.04 -8.90 -11.68
C LEU C 86 -20.29 -7.79 -10.93
N THR C 87 -19.61 -6.93 -11.67
CA THR C 87 -18.84 -5.84 -11.09
C THR C 87 -19.76 -4.81 -10.43
N VAL C 88 -20.80 -4.41 -11.14
CA VAL C 88 -21.78 -3.46 -10.62
C VAL C 88 -22.57 -4.06 -9.46
N LEU C 89 -23.07 -5.28 -9.68
CA LEU C 89 -23.79 -6.01 -8.64
C LEU C 89 -23.00 -6.06 -7.34
N LEU C 90 -21.70 -6.33 -7.44
CA LEU C 90 -20.84 -6.41 -6.26
C LEU C 90 -20.53 -5.03 -5.67
N ASP C 91 -20.68 -3.98 -6.46
CA ASP C 91 -20.53 -2.63 -5.95
C ASP C 91 -21.74 -2.27 -5.07
N CYS C 92 -22.92 -2.58 -5.59
CA CYS C 92 -24.17 -2.29 -4.90
C CYS C 92 -24.30 -3.07 -3.59
N LEU C 93 -23.88 -4.33 -3.60
CA LEU C 93 -24.00 -5.16 -2.42
C LEU C 93 -23.10 -4.68 -1.29
N SER C 94 -21.99 -4.03 -1.66
CA SER C 94 -21.02 -3.57 -0.68
C SER C 94 -21.05 -2.05 -0.50
N ILE C 95 -22.17 -1.44 -0.88
CA ILE C 95 -22.30 0.01 -0.90
C ILE C 95 -22.29 0.65 0.49
N PHE C 96 -22.52 -0.15 1.53
CA PHE C 96 -22.42 0.34 2.90
C PHE C 96 -21.07 -0.03 3.51
N GLY C 97 -20.17 -0.51 2.66
CA GLY C 97 -18.84 -0.90 3.08
C GLY C 97 -18.82 -2.07 4.05
N SER C 98 -17.88 -2.04 5.00
CA SER C 98 -17.72 -3.13 5.95
C SER C 98 -17.46 -2.62 7.37
N SER C 99 -18.52 -2.17 8.03
CA SER C 99 -18.45 -1.72 9.42
C SER C 99 -18.07 -2.88 10.34
N PRO C 100 -17.48 -2.57 11.52
CA PRO C 100 -17.07 -3.64 12.45
C PRO C 100 -18.24 -4.47 12.95
N GLY C 103 -21.33 -4.60 15.86
CA GLY C 103 -21.20 -4.85 14.43
C GLY C 103 -22.53 -5.13 13.76
N THR C 104 -23.30 -4.06 13.53
CA THR C 104 -24.63 -4.19 12.94
C THR C 104 -24.56 -4.61 11.47
N LEU C 105 -25.49 -5.46 11.06
CA LEU C 105 -25.48 -6.06 9.73
C LEU C 105 -26.07 -5.15 8.66
N THR C 106 -26.09 -5.65 7.42
CA THR C 106 -26.71 -4.98 6.30
C THR C 106 -27.62 -5.96 5.55
N ALA C 107 -28.93 -5.78 5.68
CA ALA C 107 -29.89 -6.70 5.08
C ALA C 107 -30.07 -6.44 3.58
N LEU C 108 -30.49 -7.48 2.85
CA LEU C 108 -30.67 -7.36 1.40
C LEU C 108 -32.01 -7.92 0.92
N ARG C 109 -32.74 -7.11 0.17
CA ARG C 109 -33.93 -7.58 -0.55
C ARG C 109 -33.63 -7.59 -2.05
N MET C 110 -33.70 -8.76 -2.65
CA MET C 110 -33.30 -8.93 -4.05
C MET C 110 -34.47 -9.41 -4.91
N CYS C 111 -34.91 -8.56 -5.83
CA CYS C 111 -36.10 -8.86 -6.61
C CYS C 111 -35.86 -8.80 -8.12
N TYR C 112 -36.25 -9.87 -8.80
CA TYR C 112 -36.13 -9.95 -10.25
C TYR C 112 -37.48 -10.26 -10.88
N GLN C 113 -38.06 -9.26 -11.56
CA GLN C 113 -39.41 -9.39 -12.12
C GLN C 113 -39.48 -10.42 -13.25
N GLY C 114 -38.48 -10.40 -14.14
CA GLY C 114 -38.44 -11.34 -15.24
C GLY C 114 -37.64 -10.82 -16.41
N TYR C 115 -37.81 -11.45 -17.57
CA TYR C 115 -37.08 -11.05 -18.77
C TYR C 115 -37.51 -9.67 -19.28
N GLY C 116 -36.52 -8.81 -19.51
CA GLY C 116 -36.80 -7.45 -19.95
C GLY C 116 -36.82 -6.48 -18.79
N TYR C 117 -36.99 -7.03 -17.59
CA TYR C 117 -37.02 -6.22 -16.37
C TYR C 117 -35.66 -6.27 -15.68
N PRO C 118 -35.32 -5.20 -14.94
CA PRO C 118 -34.01 -5.12 -14.28
C PRO C 118 -33.95 -5.94 -12.99
N LEU C 119 -32.74 -6.14 -12.47
CA LEU C 119 -32.55 -6.77 -11.17
C LEU C 119 -32.54 -5.69 -10.09
N MET C 120 -33.52 -5.77 -9.19
CA MET C 120 -33.64 -4.76 -8.14
C MET C 120 -33.01 -5.20 -6.84
N LEU C 121 -32.16 -4.35 -6.27
CA LEU C 121 -31.54 -4.62 -4.98
C LEU C 121 -32.01 -3.61 -3.95
N PHE C 122 -32.24 -4.08 -2.73
CA PHE C 122 -32.59 -3.19 -1.63
C PHE C 122 -31.76 -3.54 -0.39
N LEU C 123 -31.00 -2.56 0.08
CA LEU C 123 -30.10 -2.77 1.20
C LEU C 123 -30.36 -1.77 2.32
N GLU C 124 -30.29 -2.24 3.55
CA GLU C 124 -30.54 -1.38 4.70
C GLU C 124 -29.47 -1.59 5.75
N GLU C 125 -29.08 -0.50 6.42
CA GLU C 125 -28.12 -0.55 7.51
C GLU C 125 -28.35 0.61 8.48
N GLY C 126 -28.88 0.31 9.66
CA GLY C 126 -29.14 1.33 10.65
C GLY C 126 -30.18 2.34 10.21
N GLY C 127 -31.13 1.90 9.39
CA GLY C 127 -32.18 2.77 8.91
C GLY C 127 -31.92 3.31 7.52
N VAL C 128 -30.65 3.50 7.17
CA VAL C 128 -30.28 4.02 5.86
C VAL C 128 -30.58 2.99 4.77
N VAL C 129 -31.37 3.39 3.78
CA VAL C 129 -31.82 2.46 2.74
C VAL C 129 -31.25 2.83 1.35
N THR C 130 -30.67 1.83 0.68
CA THR C 130 -30.15 2.01 -0.67
C THR C 130 -30.90 1.16 -1.68
N VAL C 131 -31.39 1.79 -2.74
CA VAL C 131 -32.17 1.10 -3.77
C VAL C 131 -31.41 1.05 -5.09
N CYS C 132 -31.29 -0.14 -5.66
CA CYS C 132 -30.51 -0.33 -6.88
C CYS C 132 -31.35 -0.90 -8.02
N LYS C 133 -31.21 -0.31 -9.19
CA LYS C 133 -31.83 -0.84 -10.40
C LYS C 133 -30.74 -1.24 -11.39
N ILE C 134 -30.55 -2.55 -11.57
CA ILE C 134 -29.53 -3.03 -12.50
C ILE C 134 -30.15 -3.70 -13.71
N ASN C 135 -30.01 -3.08 -14.88
CA ASN C 135 -30.50 -3.65 -16.12
C ASN C 135 -29.82 -4.98 -16.42
N THR C 136 -30.60 -5.91 -16.97
CA THR C 136 -30.09 -7.24 -17.26
C THR C 136 -29.62 -7.37 -18.71
N GLN C 137 -29.47 -8.62 -19.15
CA GLN C 137 -28.99 -8.91 -20.50
C GLN C 137 -29.31 -10.36 -20.86
N GLU C 138 -29.66 -10.60 -22.12
CA GLU C 138 -29.92 -11.97 -22.58
C GLU C 138 -28.64 -12.79 -22.56
N PRO C 139 -28.67 -13.94 -21.89
CA PRO C 139 -27.49 -14.76 -21.65
C PRO C 139 -26.82 -15.29 -22.91
N GLU C 140 -25.50 -15.22 -22.94
CA GLU C 140 -24.72 -15.91 -23.95
C GLU C 140 -24.69 -17.39 -23.54
N GLU C 141 -24.50 -18.28 -24.50
CA GLU C 141 -24.37 -19.71 -24.20
C GLU C 141 -23.24 -19.97 -23.22
N THR C 142 -23.59 -20.39 -22.00
CA THR C 142 -22.57 -20.86 -21.06
C THR C 142 -22.23 -22.31 -21.41
N LEU C 143 -21.00 -22.54 -21.81
CA LEU C 143 -20.60 -23.84 -22.36
C LEU C 143 -20.39 -24.88 -21.28
N ASP C 144 -20.61 -26.15 -21.65
CA ASP C 144 -20.60 -27.24 -20.69
C ASP C 144 -19.29 -28.02 -20.67
N PHE C 145 -18.66 -28.12 -19.51
CA PHE C 145 -17.47 -28.92 -19.38
C PHE C 145 -18.03 -30.17 -18.76
N ASP C 146 -17.83 -31.31 -19.39
CA ASP C 146 -18.48 -32.52 -18.94
C ASP C 146 -17.68 -33.17 -17.83
N PHE C 147 -17.63 -32.56 -16.66
CA PHE C 147 -16.75 -33.10 -15.62
C PHE C 147 -17.44 -34.07 -14.72
N CYS C 148 -17.10 -35.32 -14.88
CA CYS C 148 -17.66 -36.41 -14.08
C CYS C 148 -16.59 -37.03 -13.20
N SER C 149 -16.99 -37.41 -11.99
CA SER C 149 -16.07 -38.07 -11.06
C SER C 149 -15.78 -39.49 -11.52
N THR C 150 -16.51 -39.93 -12.55
CA THR C 150 -16.34 -41.25 -13.13
C THR C 150 -14.93 -41.48 -13.67
N ASN C 151 -14.51 -40.61 -14.57
CA ASN C 151 -13.21 -40.74 -15.22
C ASN C 151 -12.19 -39.74 -14.67
N VAL C 152 -12.27 -39.49 -13.37
CA VAL C 152 -11.26 -38.69 -12.69
C VAL C 152 -10.08 -39.57 -12.31
N ILE C 153 -8.88 -39.16 -12.68
CA ILE C 153 -7.70 -39.97 -12.40
C ILE C 153 -7.12 -39.70 -11.02
N ASN C 154 -6.64 -38.47 -10.80
CA ASN C 154 -6.00 -38.09 -9.54
C ASN C 154 -6.88 -37.14 -8.73
N LYS C 155 -6.76 -37.19 -7.41
CA LYS C 155 -7.52 -36.30 -6.54
C LYS C 155 -6.87 -36.13 -5.17
N ILE C 156 -6.54 -34.89 -4.82
CA ILE C 156 -6.02 -34.61 -3.49
C ILE C 156 -6.79 -33.47 -2.82
N ILE C 157 -6.80 -33.48 -1.48
CA ILE C 157 -7.47 -32.44 -0.72
C ILE C 157 -6.49 -31.76 0.23
N LEU C 158 -6.25 -30.48 0.03
CA LEU C 158 -5.19 -29.76 0.73
C LEU C 158 -5.75 -28.64 1.60
N GLN C 159 -4.99 -28.24 2.62
CA GLN C 159 -5.35 -27.07 3.41
C GLN C 159 -4.96 -25.81 2.64
N SER C 160 -5.94 -24.95 2.40
CA SER C 160 -5.76 -23.79 1.54
C SER C 160 -4.71 -22.82 2.10
N GLU C 161 -4.54 -22.83 3.42
CA GLU C 161 -3.71 -21.86 4.12
C GLU C 161 -2.26 -21.78 3.61
N GLY C 162 -1.71 -22.91 3.18
CA GLY C 162 -0.33 -22.95 2.74
C GLY C 162 -0.17 -22.84 1.23
N LEU C 163 -1.27 -22.95 0.51
CA LEU C 163 -1.24 -22.93 -0.95
C LEU C 163 -1.41 -21.52 -1.50
N ARG C 164 -1.87 -20.61 -0.64
CA ARG C 164 -2.08 -19.22 -1.04
C ARG C 164 -0.76 -18.56 -1.45
N GLU C 165 0.32 -18.99 -0.80
CA GLU C 165 1.66 -18.52 -1.14
C GLU C 165 2.05 -18.97 -2.54
N ALA C 166 1.69 -20.21 -2.86
CA ALA C 166 2.00 -20.79 -4.16
C ALA C 166 1.32 -20.04 -5.31
N PHE C 167 0.16 -19.46 -5.01
CA PHE C 167 -0.66 -18.84 -6.03
C PHE C 167 -0.51 -17.33 -6.11
N SER C 168 -0.09 -16.70 -5.00
CA SER C 168 0.03 -15.25 -4.96
C SER C 168 1.48 -14.77 -5.14
N GLU C 169 2.43 -15.68 -4.93
CA GLU C 169 3.83 -15.41 -5.24
C GLU C 169 4.17 -15.98 -6.60
N LEU C 170 3.23 -15.83 -7.54
CA LEU C 170 3.29 -16.50 -8.83
C LEU C 170 4.25 -15.83 -9.81
N ASP C 171 5.09 -16.64 -10.46
CA ASP C 171 6.01 -16.14 -11.47
C ASP C 171 5.25 -15.86 -12.76
N MET C 172 4.62 -14.69 -12.82
CA MET C 172 3.71 -14.34 -13.91
C MET C 172 4.41 -14.21 -15.27
N THR C 173 5.74 -14.18 -15.24
CA THR C 173 6.52 -14.13 -16.48
C THR C 173 6.41 -15.45 -17.22
N SER C 174 6.10 -16.51 -16.48
CA SER C 174 5.86 -17.82 -17.08
C SER C 174 4.51 -17.79 -17.80
N GLU C 175 4.32 -18.70 -18.75
CA GLU C 175 3.08 -18.73 -19.53
C GLU C 175 2.14 -19.83 -19.06
N VAL C 176 2.69 -20.88 -18.46
CA VAL C 176 1.87 -21.99 -17.98
C VAL C 176 2.17 -22.36 -16.54
N LEU C 177 1.28 -23.15 -15.96
CA LEU C 177 1.51 -23.74 -14.64
C LEU C 177 1.45 -25.25 -14.78
N GLN C 178 2.55 -25.92 -14.42
CA GLN C 178 2.61 -27.37 -14.57
C GLN C 178 2.23 -28.07 -13.26
N ILE C 179 1.16 -28.85 -13.31
CA ILE C 179 0.72 -29.61 -12.15
C ILE C 179 1.04 -31.07 -12.32
N THR C 180 1.75 -31.64 -11.34
CA THR C 180 2.11 -33.05 -11.37
C THR C 180 1.58 -33.75 -10.13
N MET C 181 0.76 -34.77 -10.34
CA MET C 181 0.25 -35.58 -9.25
C MET C 181 0.63 -37.03 -9.50
N SER C 182 1.17 -37.69 -8.47
CA SER C 182 1.75 -39.02 -8.66
C SER C 182 1.79 -39.82 -7.36
N PRO C 183 1.59 -41.15 -7.45
CA PRO C 183 1.73 -42.04 -6.30
C PRO C 183 3.19 -42.21 -5.89
N ASP C 184 4.11 -41.72 -6.73
CA ASP C 184 5.53 -41.71 -6.42
C ASP C 184 5.99 -40.28 -6.17
N LYS C 185 7.29 -40.10 -5.96
CA LYS C 185 7.85 -38.76 -5.82
C LYS C 185 7.69 -37.98 -7.12
N PRO C 186 7.46 -36.67 -7.02
CA PRO C 186 7.36 -35.88 -5.80
C PRO C 186 5.92 -35.74 -5.29
N TYR C 187 5.10 -36.73 -5.57
CA TYR C 187 3.73 -36.79 -5.08
C TYR C 187 2.86 -35.61 -5.55
N PHE C 188 3.23 -34.40 -5.17
CA PHE C 188 2.49 -33.21 -5.58
C PHE C 188 3.43 -32.05 -5.83
N ARG C 189 3.49 -31.60 -7.08
CA ARG C 189 4.44 -30.55 -7.46
C ARG C 189 3.81 -29.52 -8.38
N LEU C 190 3.97 -28.25 -8.02
CA LEU C 190 3.54 -27.15 -8.86
C LEU C 190 4.78 -26.50 -9.47
N SER C 191 4.73 -26.26 -10.79
CA SER C 191 5.89 -25.75 -11.49
C SER C 191 5.56 -24.58 -12.42
N THR C 192 6.46 -23.58 -12.43
CA THR C 192 6.39 -22.50 -13.39
C THR C 192 7.72 -22.40 -14.14
N PHE C 193 7.68 -21.92 -15.37
CA PHE C 193 8.90 -21.78 -16.17
C PHE C 193 8.93 -20.39 -16.82
N GLY C 194 9.51 -19.43 -16.11
CA GLY C 194 9.60 -18.07 -16.61
C GLY C 194 10.99 -17.74 -17.13
N ASN C 195 11.30 -16.45 -17.19
CA ASN C 195 12.61 -16.00 -17.64
C ASN C 195 13.65 -16.17 -16.55
N ALA C 196 14.76 -16.81 -16.89
CA ALA C 196 15.90 -16.98 -15.99
C ALA C 196 15.55 -17.73 -14.71
N GLY C 197 14.39 -18.38 -14.68
CA GLY C 197 13.94 -19.04 -13.47
C GLY C 197 12.99 -20.21 -13.67
N SER C 198 13.33 -21.32 -13.05
CA SER C 198 12.45 -22.48 -12.98
C SER C 198 12.07 -22.73 -11.52
N SER C 199 10.80 -22.57 -11.20
CA SER C 199 10.34 -22.68 -9.82
C SER C 199 9.43 -23.90 -9.62
N HIS C 200 9.66 -24.61 -8.52
CA HIS C 200 8.86 -25.79 -8.18
C HIS C 200 8.40 -25.75 -6.73
N LEU C 201 7.38 -26.56 -6.42
CA LEU C 201 6.88 -26.63 -5.05
C LEU C 201 6.37 -28.02 -4.71
N ASP C 202 7.08 -28.72 -3.83
CA ASP C 202 6.77 -30.10 -3.49
C ASP C 202 5.88 -30.23 -2.25
N TYR C 203 4.87 -31.09 -2.35
CA TYR C 203 4.03 -31.46 -1.23
C TYR C 203 4.08 -32.96 -1.03
N PRO C 204 4.72 -33.43 0.05
CA PRO C 204 4.72 -34.87 0.34
C PRO C 204 3.31 -35.34 0.67
N LYS C 205 3.01 -36.61 0.39
CA LYS C 205 1.67 -37.14 0.65
C LYS C 205 1.45 -37.34 2.15
N ASP C 206 2.54 -37.40 2.90
CA ASP C 206 2.46 -37.58 4.35
C ASP C 206 2.45 -36.23 5.08
N SER C 207 2.29 -35.15 4.32
CA SER C 207 2.27 -33.82 4.91
C SER C 207 0.99 -33.61 5.70
N ASP C 208 1.09 -32.81 6.76
CA ASP C 208 -0.05 -32.52 7.62
C ASP C 208 -1.02 -31.58 6.90
N LEU C 209 -0.52 -30.90 5.87
CA LEU C 209 -1.35 -30.03 5.04
C LEU C 209 -2.29 -30.87 4.19
N MET C 210 -1.88 -32.11 3.91
CA MET C 210 -2.69 -33.05 3.14
C MET C 210 -3.83 -33.59 3.98
N GLU C 211 -5.04 -33.51 3.45
CA GLU C 211 -6.21 -34.08 4.11
C GLU C 211 -6.55 -35.41 3.45
N ALA C 212 -6.35 -35.47 2.13
CA ALA C 212 -6.63 -36.68 1.38
C ALA C 212 -5.69 -36.79 0.17
N PHE C 213 -5.14 -37.99 -0.04
CA PHE C 213 -4.25 -38.21 -1.17
C PHE C 213 -4.66 -39.48 -1.92
N HIS C 214 -5.42 -39.31 -2.98
CA HIS C 214 -5.88 -40.44 -3.78
C HIS C 214 -5.33 -40.36 -5.20
N CYS C 215 -4.02 -40.61 -5.33
CA CYS C 215 -3.38 -40.56 -6.65
C CYS C 215 -3.07 -41.96 -7.16
N ASN C 216 -3.71 -42.32 -8.27
CA ASN C 216 -3.58 -43.64 -8.85
C ASN C 216 -2.49 -43.72 -9.90
N GLN C 217 -2.31 -42.62 -10.63
CA GLN C 217 -1.44 -42.62 -11.80
C GLN C 217 -0.74 -41.28 -12.00
N THR C 218 0.52 -41.33 -12.39
CA THR C 218 1.30 -40.12 -12.65
C THR C 218 0.71 -39.34 -13.81
N GLN C 219 0.38 -38.08 -13.56
CA GLN C 219 -0.15 -37.21 -14.60
C GLN C 219 0.51 -35.82 -14.54
N VAL C 220 0.91 -35.33 -15.72
CA VAL C 220 1.50 -34.01 -15.84
C VAL C 220 0.67 -33.16 -16.78
N ASN C 221 0.11 -32.08 -16.27
CA ASN C 221 -0.74 -31.21 -17.08
C ASN C 221 -0.30 -29.75 -17.01
N ARG C 222 -0.38 -29.07 -18.15
CA ARG C 222 -0.03 -27.67 -18.23
C ARG C 222 -1.29 -26.82 -18.34
N TYR C 223 -1.30 -25.68 -17.65
CA TYR C 223 -2.45 -24.77 -17.71
C TYR C 223 -2.00 -23.33 -17.87
N LYS C 224 -2.70 -22.59 -18.72
CA LYS C 224 -2.42 -21.18 -18.96
C LYS C 224 -2.46 -20.40 -17.65
N ILE C 225 -1.31 -19.84 -17.27
CA ILE C 225 -1.15 -19.15 -15.99
C ILE C 225 -2.14 -18.00 -15.81
N SER C 226 -2.58 -17.41 -16.92
CA SER C 226 -3.49 -16.27 -16.87
C SER C 226 -4.89 -16.71 -16.44
N LEU C 227 -5.14 -18.01 -16.52
CA LEU C 227 -6.47 -18.56 -16.31
C LEU C 227 -6.66 -19.13 -14.91
N LEU C 228 -5.58 -19.65 -14.33
CA LEU C 228 -5.64 -20.24 -13.00
C LEU C 228 -5.41 -19.23 -11.90
N LYS C 229 -4.78 -18.10 -12.23
CA LYS C 229 -4.48 -17.09 -11.23
C LYS C 229 -5.73 -16.54 -10.53
N PRO C 230 -6.80 -16.20 -11.28
CA PRO C 230 -7.96 -15.68 -10.55
C PRO C 230 -8.64 -16.69 -9.61
N SER C 231 -8.16 -17.92 -9.55
CA SER C 231 -8.71 -18.88 -8.60
C SER C 231 -8.20 -18.61 -7.17
N THR C 232 -7.28 -17.65 -7.05
CA THR C 232 -6.82 -17.23 -5.72
C THR C 232 -7.96 -16.60 -4.91
N LYS C 233 -8.87 -15.95 -5.62
CA LYS C 233 -9.99 -15.25 -4.97
C LYS C 233 -10.88 -16.23 -4.22
N ALA C 234 -10.95 -17.46 -4.71
CA ALA C 234 -11.70 -18.51 -4.04
C ALA C 234 -10.85 -19.21 -2.98
N LEU C 235 -9.55 -19.30 -3.26
CA LEU C 235 -8.63 -20.03 -2.39
C LEU C 235 -8.54 -19.41 -0.99
N VAL C 236 -8.44 -18.08 -0.93
CA VAL C 236 -8.25 -17.38 0.33
C VAL C 236 -9.53 -17.22 1.14
N LEU C 237 -10.63 -17.78 0.64
CA LEU C 237 -11.91 -17.74 1.35
C LEU C 237 -12.31 -19.14 1.80
N SER C 238 -11.45 -20.11 1.52
CA SER C 238 -11.74 -21.51 1.81
C SER C 238 -10.77 -22.10 2.85
N CYS C 239 -11.24 -23.07 3.61
CA CYS C 239 -10.40 -23.77 4.57
C CYS C 239 -9.60 -24.86 3.86
N LYS C 240 -10.29 -25.64 3.04
CA LYS C 240 -9.65 -26.70 2.27
C LYS C 240 -9.96 -26.58 0.78
N VAL C 241 -9.08 -27.10 -0.06
CA VAL C 241 -9.25 -27.06 -1.50
C VAL C 241 -9.05 -28.44 -2.10
N SER C 242 -9.95 -28.84 -3.00
CA SER C 242 -9.87 -30.14 -3.65
C SER C 242 -9.38 -30.01 -5.08
N ILE C 243 -8.37 -30.78 -5.44
CA ILE C 243 -7.77 -30.73 -6.77
C ILE C 243 -7.90 -32.05 -7.52
N ARG C 244 -8.68 -32.06 -8.59
CA ARG C 244 -8.88 -33.25 -9.40
C ARG C 244 -8.49 -33.03 -10.85
N THR C 245 -7.90 -34.06 -11.47
CA THR C 245 -7.70 -34.08 -12.92
C THR C 245 -8.33 -35.34 -13.50
N ASP C 246 -8.86 -35.25 -14.70
CA ASP C 246 -9.52 -36.39 -15.33
C ASP C 246 -8.72 -36.95 -16.52
N ASN C 247 -9.34 -37.85 -17.26
CA ASN C 247 -8.68 -38.48 -18.41
C ASN C 247 -8.64 -37.58 -19.64
N ARG C 248 -9.08 -36.33 -19.48
CA ARG C 248 -9.02 -35.36 -20.56
C ARG C 248 -7.91 -34.36 -20.32
N GLY C 249 -7.43 -34.31 -19.08
CA GLY C 249 -6.42 -33.34 -18.70
C GLY C 249 -7.05 -32.08 -18.10
N PHE C 250 -8.37 -32.11 -17.96
CA PHE C 250 -9.12 -30.98 -17.39
C PHE C 250 -8.90 -30.89 -15.88
N LEU C 251 -8.71 -29.67 -15.39
CA LEU C 251 -8.46 -29.44 -13.97
C LEU C 251 -9.71 -28.96 -13.25
N SER C 252 -9.96 -29.52 -12.08
CA SER C 252 -11.09 -29.10 -11.26
C SER C 252 -10.62 -28.57 -9.90
N LEU C 253 -11.24 -27.50 -9.45
CA LEU C 253 -10.90 -26.90 -8.16
C LEU C 253 -12.16 -26.67 -7.31
N GLN C 254 -12.42 -27.58 -6.39
CA GLN C 254 -13.58 -27.46 -5.50
C GLN C 254 -13.18 -26.75 -4.20
N TYR C 255 -13.91 -25.70 -3.84
CA TYR C 255 -13.58 -24.92 -2.65
C TYR C 255 -14.67 -25.01 -1.59
N ALA C 256 -14.28 -24.77 -0.34
CA ALA C 256 -15.20 -24.86 0.79
C ALA C 256 -15.25 -23.54 1.56
N ILE C 257 -16.16 -22.67 1.16
CA ILE C 257 -16.29 -21.35 1.76
C ILE C 257 -17.36 -21.34 2.84
N ARG C 258 -16.94 -21.15 4.08
CA ARG C 258 -17.87 -21.05 5.20
C ARG C 258 -18.26 -19.60 5.42
N ASN C 259 -19.55 -19.32 5.48
CA ASN C 259 -20.00 -17.95 5.70
C ASN C 259 -20.14 -17.62 7.18
N GLU C 260 -20.71 -16.46 7.46
CA GLU C 260 -20.74 -15.93 8.82
C GLU C 260 -21.84 -16.52 9.69
N ASP C 261 -22.66 -17.38 9.12
CA ASP C 261 -23.73 -18.03 9.89
C ASP C 261 -23.46 -19.52 10.03
N GLY C 262 -22.21 -19.92 9.85
CA GLY C 262 -21.80 -21.30 10.06
C GLY C 262 -22.25 -22.26 8.98
N GLN C 263 -22.65 -21.72 7.83
CA GLN C 263 -23.09 -22.54 6.72
C GLN C 263 -22.06 -22.53 5.60
N ILE C 264 -21.99 -23.63 4.85
CA ILE C 264 -20.98 -23.78 3.81
C ILE C 264 -21.61 -23.89 2.42
N CYS C 265 -21.12 -23.05 1.52
CA CYS C 265 -21.51 -23.10 0.10
C CYS C 265 -20.32 -23.55 -0.73
N ALA C 266 -20.59 -24.00 -1.95
CA ALA C 266 -19.54 -24.56 -2.79
C ALA C 266 -19.14 -23.64 -3.93
N VAL C 267 -17.83 -23.57 -4.19
CA VAL C 267 -17.29 -22.84 -5.34
C VAL C 267 -16.38 -23.75 -6.14
N GLU C 268 -16.57 -23.78 -7.46
CA GLU C 268 -15.85 -24.73 -8.31
C GLU C 268 -15.25 -24.06 -9.55
N TYR C 269 -13.98 -24.33 -9.79
CA TYR C 269 -13.28 -23.85 -10.99
C TYR C 269 -12.96 -24.99 -11.94
N TYR C 270 -13.13 -24.74 -13.23
CA TYR C 270 -12.70 -25.70 -14.25
C TYR C 270 -11.70 -25.03 -15.20
N CYS C 271 -10.71 -25.78 -15.66
CA CYS C 271 -9.71 -25.25 -16.59
C CYS C 271 -9.25 -26.31 -17.58
N CYS C 272 -9.43 -25.95 -18.85
CA CYS C 272 -9.02 -26.71 -20.00
C CYS C 272 -7.55 -26.76 -19.97
N PRO C 273 -6.99 -27.95 -20.37
CA PRO C 273 -5.56 -27.95 -20.47
C PRO C 273 -5.11 -27.31 -21.74
N ASP C 274 -3.79 -27.08 -21.70
CA ASP C 274 -3.03 -26.34 -22.69
C ASP C 274 -2.11 -27.25 -23.46
N GLU C 275 -2.27 -27.32 -24.77
CA GLU C 275 -1.52 -28.23 -25.60
C GLU C 275 -0.22 -27.64 -26.11
N THR D 1 22.51 17.34 -9.36
CA THR D 1 22.26 16.28 -8.40
C THR D 1 22.94 14.97 -8.80
N SER D 2 22.66 14.50 -10.01
CA SER D 2 23.14 13.19 -10.45
C SER D 2 24.43 13.29 -11.27
N LYS D 3 25.32 14.19 -10.86
CA LYS D 3 26.63 14.32 -11.50
C LYS D 3 27.74 13.76 -10.62
N PHE D 4 27.62 12.49 -10.25
CA PHE D 4 28.63 11.81 -9.43
C PHE D 4 29.75 11.28 -10.29
N PRO D 5 31.00 11.52 -9.88
CA PRO D 5 32.14 10.88 -10.54
C PRO D 5 32.04 9.36 -10.41
N HIS D 6 32.44 8.64 -11.45
CA HIS D 6 32.45 7.19 -11.42
C HIS D 6 33.29 6.65 -10.27
N LEU D 7 32.85 5.54 -9.69
CA LEU D 7 33.70 4.76 -8.82
C LEU D 7 34.61 3.93 -9.72
N THR D 8 35.87 3.80 -9.33
CA THR D 8 36.79 2.99 -10.12
C THR D 8 36.71 1.53 -9.69
N PHE D 9 36.22 0.68 -10.58
CA PHE D 9 36.16 -0.75 -10.34
C PHE D 9 37.33 -1.43 -11.06
N GLU D 10 37.60 -2.69 -10.70
CA GLU D 10 38.76 -3.39 -11.25
C GLU D 10 38.62 -3.69 -12.74
N SER D 11 37.42 -4.05 -13.17
CA SER D 11 37.17 -4.36 -14.58
C SER D 11 36.05 -3.49 -15.14
#